data_9J4T
#
_entry.id   9J4T
#
_cell.length_a   58.105
_cell.length_b   102.725
_cell.length_c   160.147
_cell.angle_alpha   90.00
_cell.angle_beta   90.00
_cell.angle_gamma   90.00
#
_symmetry.space_group_name_H-M   'P 21 21 21'
#
loop_
_entity.id
_entity.type
_entity.pdbx_description
1 polymer 'HLA class I histocompatibility antigen, B alpha chain'
2 polymer Beta-2-microglobulin
3 polymer Nucleoprotein
4 polymer 'SPR epitope specific TCR CLB1 ALPHA'
5 polymer 'SPR epitope specific TCR CLB1 BETA'
6 water water
#
loop_
_entity_poly.entity_id
_entity_poly.type
_entity_poly.pdbx_seq_one_letter_code
_entity_poly.pdbx_strand_id
1 'polypeptide(L)'
;MGSHSMRYFYTSVSRPGRGEPRFISVGYVDDTQFVRFDSDAASPREEPRAPWIEQEGPEYWDRNTQIYKAQAQTDRESLR
NLRGYYNQSEAGSHTLQSMYGCDVGPDGRLLRGHDQYAYDGKDYIALNEDLRSWTAADTAAQITQRKWEAAREAEQRRAY
LEGECVEWLRRYLENGKDKLERADPPKTHVTHHPISDHEATLRCWALGFYPAEITLTWQRDGEDQTQDTELVETRPAGDR
TFQKWAAVVVPSGEEQRYTCHVQHEGLPKPLTLRWE
;
A
2 'polypeptide(L)'
;MIQRTPKIQVYSRHPAENGKSNFLNCYVSGFHPSDIEVDLLKNGERIEKVEHSDLSFSKDWSFYLLYYTEFTPTEKDEYA
CRVNHVTLSQPKIVKWDRDM
;
B
3 'polypeptide(L)' SPRWYFYYL C
4 'polypeptide(L)'
;MSQQGEEDPQALSIQEGENATMNCSYKTSINNLQWYRQNSGRGLVHLILIRSNEREKHSGRLRVTLDTSKKSSSLLITAS
RAADTASYFCATDAGPEKLVFGKGTKLTVNPNIQNPDPAVYQLRDSKSSDKSVCLFTDFDSQTNVSQSKDSDVYITDKCV
LDMRSMDFKSNSAVAWSNKSDFACANAFNNSIIPEDTFFPSPESS
;
D
5 'polypeptide(L)'
;MNAGVTQTPKFRILKIGQSMTLQCTQDMNHNYMYWYRQDPGMGLKLIYYSVGAGITDKGEVPNGYNVSRSTTEDFPLRLE
LAAPSQTSVYFCASRQLAGFYEQYFGPGTRLTVTEDLKNVFPPEVAVFEPSEAEISHTQKATLVCLATGFYPDHVELSWW
VNGKEVHSGVCTDPQPLKEQPALNDSRYALSSRLRVSATFWQNPRNHFRCQVQFYGLSENDEWTQDRAKPVTQIVSAEAW
GRAD
;
E
#
# COMPACT_ATOMS: atom_id res chain seq x y z
N SER A 3 -15.99 -26.64 -18.06
CA SER A 3 -15.97 -25.17 -17.69
C SER A 3 -15.95 -25.03 -16.19
N HIS A 4 -15.27 -24.01 -15.67
CA HIS A 4 -15.17 -23.89 -14.23
C HIS A 4 -15.11 -22.45 -13.76
N SER A 5 -15.19 -22.27 -12.46
CA SER A 5 -15.07 -20.91 -11.91
C SER A 5 -14.50 -20.95 -10.55
N MET A 6 -13.80 -19.88 -10.21
CA MET A 6 -13.39 -19.62 -8.85
C MET A 6 -14.05 -18.29 -8.38
N ARG A 7 -14.52 -18.23 -7.14
CA ARG A 7 -15.19 -17.02 -6.63
C ARG A 7 -14.89 -16.84 -5.21
N TYR A 8 -14.67 -15.58 -4.87
CA TYR A 8 -14.57 -15.16 -3.49
C TYR A 8 -15.81 -14.32 -3.13
N PHE A 9 -16.33 -14.54 -1.92
CA PHE A 9 -17.47 -13.87 -1.42
C PHE A 9 -17.12 -13.18 -0.11
N TYR A 10 -17.19 -11.84 -0.04
CA TYR A 10 -16.89 -11.08 1.15
C TYR A 10 -18.12 -10.44 1.74
N THR A 11 -18.23 -10.52 3.06
CA THR A 11 -19.37 -9.90 3.77
C THR A 11 -18.83 -9.12 4.96
N SER A 12 -19.03 -7.77 4.96
CA SER A 12 -18.87 -6.96 6.18
C SER A 12 -20.16 -6.45 6.73
N VAL A 13 -20.31 -6.56 8.03
CA VAL A 13 -21.53 -6.17 8.74
C VAL A 13 -21.17 -5.30 9.91
N SER A 14 -21.62 -4.06 9.91
CA SER A 14 -21.41 -3.15 11.03
C SER A 14 -22.38 -3.48 12.15
N ARG A 15 -21.96 -3.15 13.35
CA ARG A 15 -22.74 -3.51 14.51
C ARG A 15 -22.40 -2.44 15.56
N PRO A 16 -22.96 -1.25 15.36
CA PRO A 16 -22.44 -0.12 16.13
C PRO A 16 -22.68 -0.27 17.62
N GLY A 17 -21.66 0.10 18.41
CA GLY A 17 -21.75 -0.04 19.84
C GLY A 17 -21.36 -1.43 20.30
N ARG A 18 -21.14 -2.36 19.39
CA ARG A 18 -20.80 -3.71 19.80
C ARG A 18 -19.58 -4.14 19.05
N GLY A 19 -18.71 -3.19 18.77
CA GLY A 19 -17.48 -3.51 18.10
C GLY A 19 -17.34 -2.99 16.68
N GLU A 20 -16.17 -3.28 16.15
CA GLU A 20 -15.85 -3.06 14.77
C GLU A 20 -16.64 -4.04 13.90
N PRO A 21 -16.78 -3.69 12.62
CA PRO A 21 -17.57 -4.56 11.74
C PRO A 21 -17.01 -5.97 11.72
N ARG A 22 -17.86 -6.99 11.61
CA ARG A 22 -17.40 -8.33 11.30
C ARG A 22 -17.15 -8.49 9.81
N PHE A 23 -16.07 -9.15 9.45
CA PHE A 23 -15.75 -9.46 8.10
C PHE A 23 -15.67 -10.99 7.99
N ILE A 24 -16.43 -11.54 7.08
CA ILE A 24 -16.27 -12.98 6.75
C ILE A 24 -16.02 -13.12 5.25
N SER A 25 -15.17 -14.05 4.89
CA SER A 25 -14.93 -14.39 3.51
C SER A 25 -15.02 -15.88 3.30
N VAL A 26 -15.54 -16.30 2.17
CA VAL A 26 -15.43 -17.72 1.71
C VAL A 26 -15.05 -17.73 0.25
N GLY A 27 -14.33 -18.79 -0.12
CA GLY A 27 -13.88 -19.00 -1.45
C GLY A 27 -14.41 -20.35 -1.95
N TYR A 28 -14.78 -20.38 -3.21
CA TYR A 28 -15.42 -21.54 -3.83
C TYR A 28 -14.72 -21.83 -5.14
N VAL A 29 -14.53 -23.12 -5.43
CA VAL A 29 -14.27 -23.58 -6.79
C VAL A 29 -15.53 -24.30 -7.20
N ASP A 30 -16.10 -23.87 -8.34
CA ASP A 30 -17.49 -24.23 -8.71
C ASP A 30 -18.42 -24.25 -7.45
N ASP A 31 -19.07 -25.38 -7.12
CA ASP A 31 -19.94 -25.47 -5.96
C ASP A 31 -19.26 -26.04 -4.73
N THR A 32 -17.93 -26.07 -4.67
CA THR A 32 -17.21 -26.52 -3.48
C THR A 32 -16.57 -25.39 -2.72
N GLN A 33 -16.94 -25.19 -1.47
CA GLN A 33 -16.25 -24.25 -0.61
C GLN A 33 -14.87 -24.81 -0.19
N PHE A 34 -13.81 -23.99 -0.32
CA PHE A 34 -12.44 -24.47 0.02
C PHE A 34 -11.65 -23.70 1.06
N VAL A 35 -12.07 -22.45 1.34
CA VAL A 35 -11.49 -21.59 2.35
C VAL A 35 -12.49 -20.68 3.03
N ARG A 36 -12.14 -20.26 4.26
CA ARG A 36 -12.89 -19.24 4.99
C ARG A 36 -11.97 -18.34 5.79
N PHE A 37 -12.50 -17.21 6.19
CA PHE A 37 -11.81 -16.30 7.10
C PHE A 37 -12.92 -15.60 7.85
N ASP A 38 -12.79 -15.47 9.17
CA ASP A 38 -13.79 -14.80 9.98
C ASP A 38 -13.11 -13.93 11.00
N SER A 39 -13.34 -12.64 10.92
CA SER A 39 -12.59 -11.73 11.73
C SER A 39 -12.94 -11.95 13.18
N ASP A 40 -14.05 -12.63 13.47
CA ASP A 40 -14.48 -12.82 14.88
C ASP A 40 -13.92 -14.12 15.55
N ALA A 41 -13.23 -14.96 14.80
CA ALA A 41 -12.56 -16.11 15.36
C ALA A 41 -11.55 -15.69 16.44
N ALA A 42 -11.23 -16.65 17.28
CA ALA A 42 -10.24 -16.51 18.34
C ALA A 42 -8.96 -15.86 17.83
N SER A 43 -8.36 -16.49 16.81
CA SER A 43 -7.15 -16.00 16.15
C SER A 43 -7.41 -15.93 14.62
N PRO A 44 -7.90 -14.79 14.15
CA PRO A 44 -8.49 -14.82 12.81
C PRO A 44 -7.49 -15.22 11.79
N ARG A 45 -7.81 -16.17 10.94
CA ARG A 45 -6.86 -16.56 9.87
C ARG A 45 -7.57 -17.33 8.82
N GLU A 46 -6.98 -17.41 7.64
CA GLU A 46 -7.58 -18.22 6.63
C GLU A 46 -7.45 -19.68 7.04
N GLU A 47 -8.47 -20.47 6.75
CA GLU A 47 -8.50 -21.90 7.16
C GLU A 47 -9.03 -22.74 6.01
N PRO A 48 -8.56 -23.99 5.89
CA PRO A 48 -9.01 -24.90 4.84
C PRO A 48 -10.42 -25.41 5.12
N ARG A 49 -11.19 -25.64 4.08
CA ARG A 49 -12.55 -26.17 4.25
C ARG A 49 -12.88 -27.31 3.32
N ALA A 50 -11.91 -27.66 2.48
CA ALA A 50 -11.99 -28.82 1.61
C ALA A 50 -10.71 -29.68 1.85
N PRO A 51 -10.78 -30.99 1.57
CA PRO A 51 -9.61 -31.88 1.84
C PRO A 51 -8.34 -31.57 1.04
N TRP A 52 -8.49 -31.24 -0.22
CA TRP A 52 -7.39 -30.96 -1.13
C TRP A 52 -6.67 -29.60 -1.04
N ILE A 53 -7.15 -28.68 -0.19
CA ILE A 53 -6.39 -27.44 0.02
C ILE A 53 -5.43 -27.50 1.26
N GLU A 54 -5.56 -28.53 2.10
CA GLU A 54 -4.86 -28.58 3.41
C GLU A 54 -3.36 -28.65 3.26
N GLN A 55 -2.94 -29.18 2.13
CA GLN A 55 -1.56 -29.43 1.83
C GLN A 55 -0.77 -28.15 1.69
N GLU A 56 -1.46 -27.06 1.33
CA GLU A 56 -0.81 -25.78 1.12
C GLU A 56 -0.02 -25.37 2.32
N GLY A 57 1.17 -24.79 2.11
CA GLY A 57 2.08 -24.40 3.22
C GLY A 57 1.68 -23.15 4.01
N PRO A 58 2.47 -22.79 5.06
CA PRO A 58 2.11 -21.65 5.96
C PRO A 58 2.22 -20.26 5.33
N GLU A 59 3.00 -20.15 4.27
CA GLU A 59 3.08 -18.95 3.46
C GLU A 59 1.78 -18.66 2.70
N TYR A 60 1.07 -19.72 2.37
CA TYR A 60 -0.18 -19.64 1.60
C TYR A 60 -1.14 -18.99 2.56
N TRP A 61 -1.26 -19.63 3.70
CA TRP A 61 -2.18 -19.20 4.70
C TRP A 61 -1.85 -17.78 5.18
N ASP A 62 -0.55 -17.46 5.29
CA ASP A 62 -0.13 -16.15 5.82
C ASP A 62 -0.42 -15.04 4.83
N ARG A 63 -0.04 -15.26 3.59
CA ARG A 63 -0.29 -14.26 2.60
C ARG A 63 -1.80 -13.94 2.55
N ASN A 64 -2.64 -14.96 2.56
CA ASN A 64 -4.07 -14.72 2.33
C ASN A 64 -4.69 -14.04 3.52
N THR A 65 -4.25 -14.51 4.69
CA THR A 65 -4.69 -14.00 5.96
C THR A 65 -4.39 -12.51 5.99
N GLN A 66 -3.23 -12.11 5.52
CA GLN A 66 -2.91 -10.70 5.50
C GLN A 66 -3.77 -9.91 4.49
N ILE A 67 -4.02 -10.48 3.33
CA ILE A 67 -4.97 -9.88 2.39
C ILE A 67 -6.36 -9.68 2.99
N TYR A 68 -6.90 -10.67 3.67
CA TYR A 68 -8.23 -10.50 4.31
C TYR A 68 -8.26 -9.47 5.40
N LYS A 69 -7.22 -9.42 6.24
CA LYS A 69 -7.21 -8.40 7.31
C LYS A 69 -7.15 -6.99 6.72
N ALA A 70 -6.36 -6.83 5.69
CA ALA A 70 -6.26 -5.56 5.04
C ALA A 70 -7.61 -5.15 4.37
N GLN A 71 -8.28 -6.11 3.75
CA GLN A 71 -9.51 -5.89 3.08
C GLN A 71 -10.57 -5.43 4.08
N ALA A 72 -10.62 -6.12 5.21
CA ALA A 72 -11.60 -5.86 6.24
C ALA A 72 -11.47 -4.42 6.72
N GLN A 73 -10.24 -3.94 6.86
CA GLN A 73 -10.01 -2.59 7.32
C GLN A 73 -10.51 -1.59 6.28
N THR A 74 -10.25 -1.81 4.99
CA THR A 74 -10.83 -0.92 3.98
C THR A 74 -12.37 -0.96 3.99
N ASP A 75 -12.99 -2.11 4.24
CA ASP A 75 -14.46 -2.16 4.29
C ASP A 75 -15.06 -1.33 5.43
N ARG A 76 -14.29 -1.13 6.52
CA ARG A 76 -14.76 -0.24 7.58
C ARG A 76 -14.87 1.16 7.04
N GLU A 77 -13.94 1.58 6.18
CA GLU A 77 -14.03 2.95 5.65
C GLU A 77 -15.15 3.02 4.61
N SER A 78 -15.28 1.99 3.78
CA SER A 78 -16.30 1.94 2.75
C SER A 78 -17.69 2.04 3.37
N LEU A 79 -17.86 1.34 4.47
CA LEU A 79 -19.14 1.36 5.19
C LEU A 79 -19.47 2.77 5.72
N ARG A 80 -18.46 3.48 6.20
CA ARG A 80 -18.69 4.86 6.63
C ARG A 80 -19.01 5.74 5.45
N ASN A 81 -18.31 5.55 4.33
CA ASN A 81 -18.63 6.28 3.09
C ASN A 81 -20.06 6.04 2.68
N LEU A 82 -20.46 4.76 2.66
CA LEU A 82 -21.80 4.39 2.23
C LEU A 82 -22.89 4.99 3.09
N ARG A 83 -22.69 4.94 4.40
CA ARG A 83 -23.64 5.54 5.37
C ARG A 83 -23.86 7.02 5.01
N GLY A 84 -22.79 7.69 4.59
CA GLY A 84 -22.84 9.09 4.23
C GLY A 84 -23.58 9.29 2.93
N TYR A 85 -23.29 8.47 1.91
CA TYR A 85 -23.97 8.62 0.60
C TYR A 85 -25.45 8.48 0.78
N TYR A 86 -25.90 7.61 1.68
CA TYR A 86 -27.34 7.35 1.81
C TYR A 86 -27.98 8.12 3.00
N ASN A 87 -27.22 9.02 3.63
CA ASN A 87 -27.66 9.81 4.77
C ASN A 87 -28.24 9.04 5.89
N GLN A 88 -27.57 8.00 6.28
CA GLN A 88 -28.07 7.13 7.27
C GLN A 88 -27.43 7.41 8.61
N SER A 89 -28.13 7.02 9.64
CA SER A 89 -27.66 7.16 11.02
C SER A 89 -26.53 6.22 11.37
N GLU A 90 -25.80 6.63 12.41
CA GLU A 90 -24.72 5.88 13.00
C GLU A 90 -25.22 4.71 13.84
N ALA A 91 -26.50 4.68 14.18
CA ALA A 91 -26.95 3.63 15.12
C ALA A 91 -27.32 2.32 14.41
N GLY A 92 -27.56 2.36 13.10
CA GLY A 92 -28.03 1.15 12.37
C GLY A 92 -26.93 0.19 11.94
N SER A 93 -27.24 -1.10 11.91
CA SER A 93 -26.33 -2.07 11.28
C SER A 93 -26.53 -2.08 9.78
N HIS A 94 -25.44 -2.13 9.04
CA HIS A 94 -25.47 -2.18 7.59
C HIS A 94 -24.56 -3.26 7.07
N THR A 95 -24.74 -3.63 5.78
CA THR A 95 -24.05 -4.76 5.18
C THR A 95 -23.39 -4.38 3.87
N LEU A 96 -22.12 -4.71 3.69
CA LEU A 96 -21.44 -4.54 2.39
C LEU A 96 -21.02 -5.91 1.91
N GLN A 97 -21.50 -6.31 0.76
CA GLN A 97 -21.08 -7.59 0.19
C GLN A 97 -20.36 -7.43 -1.12
N SER A 98 -19.44 -8.33 -1.37
CA SER A 98 -18.61 -8.24 -2.56
C SER A 98 -18.38 -9.63 -3.08
N MET A 99 -18.46 -9.75 -4.42
CA MET A 99 -18.17 -11.04 -5.04
C MET A 99 -17.35 -10.80 -6.27
N TYR A 100 -16.24 -11.54 -6.41
CA TYR A 100 -15.41 -11.42 -7.59
C TYR A 100 -14.82 -12.78 -7.94
N GLY A 101 -14.41 -12.94 -9.18
CA GLY A 101 -13.74 -14.13 -9.62
C GLY A 101 -13.80 -14.36 -11.12
N CYS A 102 -13.45 -15.60 -11.56
CA CYS A 102 -13.25 -15.89 -12.97
C CYS A 102 -14.01 -17.18 -13.31
N ASP A 103 -14.57 -17.18 -14.49
CA ASP A 103 -15.17 -18.35 -15.10
C ASP A 103 -14.23 -18.68 -16.29
N VAL A 104 -13.86 -19.94 -16.46
CA VAL A 104 -13.07 -20.37 -17.60
C VAL A 104 -13.77 -21.45 -18.41
N GLY A 105 -13.51 -21.50 -19.70
CA GLY A 105 -14.07 -22.56 -20.53
C GLY A 105 -13.16 -23.76 -20.58
N PRO A 106 -13.45 -24.75 -21.50
CA PRO A 106 -12.65 -25.95 -21.77
C PRO A 106 -11.17 -25.68 -22.04
N ASP A 107 -10.84 -24.63 -22.80
CA ASP A 107 -9.43 -24.26 -22.99
C ASP A 107 -8.69 -23.82 -21.72
N GLY A 108 -9.41 -23.46 -20.67
CA GLY A 108 -8.78 -23.00 -19.43
C GLY A 108 -8.48 -21.50 -19.37
N ARG A 109 -8.83 -20.77 -20.41
CA ARG A 109 -8.70 -19.31 -20.38
C ARG A 109 -10.03 -18.60 -20.07
N LEU A 110 -9.96 -17.31 -19.71
CA LEU A 110 -11.10 -16.56 -19.18
C LEU A 110 -12.27 -16.56 -20.17
N LEU A 111 -13.46 -17.02 -19.70
CA LEU A 111 -14.71 -16.78 -20.39
C LEU A 111 -15.31 -15.46 -19.89
N ARG A 112 -15.35 -15.28 -18.57
CA ARG A 112 -16.05 -14.17 -17.95
C ARG A 112 -15.42 -13.84 -16.58
N GLY A 113 -15.15 -12.55 -16.42
CA GLY A 113 -14.72 -12.00 -15.17
C GLY A 113 -15.89 -11.38 -14.40
N HIS A 114 -15.82 -11.41 -13.07
CA HIS A 114 -16.88 -10.83 -12.19
C HIS A 114 -16.25 -9.95 -11.11
N ASP A 115 -16.87 -8.81 -10.83
CA ASP A 115 -16.43 -7.96 -9.71
C ASP A 115 -17.59 -7.08 -9.32
N GLN A 116 -18.34 -7.49 -8.30
CA GLN A 116 -19.59 -6.79 -8.02
C GLN A 116 -19.86 -6.60 -6.57
N TYR A 117 -20.73 -5.66 -6.27
CA TYR A 117 -21.00 -5.18 -4.91
C TYR A 117 -22.48 -4.92 -4.62
N ALA A 118 -22.86 -5.16 -3.37
CA ALA A 118 -24.18 -4.84 -2.86
C ALA A 118 -24.07 -4.18 -1.55
N TYR A 119 -24.99 -3.29 -1.31
CA TYR A 119 -25.10 -2.58 -0.05
C TYR A 119 -26.50 -2.84 0.49
N ASP A 120 -26.56 -3.34 1.74
CA ASP A 120 -27.84 -3.67 2.40
C ASP A 120 -28.68 -4.64 1.56
N GLY A 121 -27.99 -5.52 0.85
CA GLY A 121 -28.63 -6.59 0.15
C GLY A 121 -29.15 -6.21 -1.25
N LYS A 122 -28.87 -4.99 -1.73
CA LYS A 122 -29.20 -4.66 -3.12
C LYS A 122 -28.02 -4.22 -3.97
N ASP A 123 -28.11 -4.49 -5.27
CA ASP A 123 -27.06 -4.13 -6.22
C ASP A 123 -26.57 -2.71 -5.91
N TYR A 124 -25.27 -2.53 -5.92
CA TYR A 124 -24.67 -1.21 -5.73
C TYR A 124 -23.89 -0.85 -7.00
N ILE A 125 -22.83 -1.61 -7.31
CA ILE A 125 -22.02 -1.43 -8.51
C ILE A 125 -21.43 -2.75 -8.99
N ALA A 126 -21.35 -2.95 -10.32
CA ALA A 126 -20.87 -4.18 -10.89
C ALA A 126 -19.98 -3.88 -12.07
N LEU A 127 -18.90 -4.63 -12.22
CA LEU A 127 -18.08 -4.51 -13.39
C LEU A 127 -18.76 -5.30 -14.56
N ASN A 128 -18.88 -4.63 -15.69
CA ASN A 128 -19.59 -5.14 -16.85
C ASN A 128 -18.70 -6.15 -17.51
N GLU A 129 -19.28 -6.96 -18.38
CA GLU A 129 -18.49 -8.06 -18.89
C GLU A 129 -17.35 -7.72 -19.83
N ASP A 130 -17.39 -6.55 -20.43
CA ASP A 130 -16.24 -6.10 -21.18
C ASP A 130 -15.08 -5.79 -20.22
N LEU A 131 -15.34 -5.75 -18.91
CA LEU A 131 -14.28 -5.43 -17.92
C LEU A 131 -13.69 -4.09 -18.12
N ARG A 132 -14.48 -3.16 -18.63
CA ARG A 132 -13.99 -1.82 -18.89
C ARG A 132 -14.88 -0.74 -18.43
N SER A 133 -16.07 -1.07 -17.95
CA SER A 133 -17.03 -0.08 -17.52
C SER A 133 -17.87 -0.70 -16.40
N TRP A 134 -18.59 0.13 -15.68
CA TRP A 134 -19.36 -0.27 -14.52
C TRP A 134 -20.84 -0.04 -14.70
N THR A 135 -21.66 -0.87 -14.10
CA THR A 135 -23.04 -0.54 -13.90
C THR A 135 -23.31 -0.09 -12.48
N ALA A 136 -23.58 1.21 -12.31
CA ALA A 136 -24.08 1.78 -11.05
C ALA A 136 -25.58 1.54 -10.92
N ALA A 137 -26.04 1.21 -9.70
CA ALA A 137 -27.44 0.80 -9.43
C ALA A 137 -28.35 1.99 -9.12
N ASP A 138 -27.80 3.07 -8.61
CA ASP A 138 -28.57 4.23 -8.22
C ASP A 138 -27.64 5.48 -8.16
N THR A 139 -28.18 6.61 -7.74
CA THR A 139 -27.42 7.86 -7.82
C THR A 139 -26.24 7.86 -6.81
N ALA A 140 -26.41 7.28 -5.60
CA ALA A 140 -25.35 7.07 -4.65
C ALA A 140 -24.17 6.30 -5.26
N ALA A 141 -24.48 5.19 -5.92
CA ALA A 141 -23.44 4.43 -6.56
C ALA A 141 -22.71 5.17 -7.67
N GLN A 142 -23.31 6.19 -8.29
CA GLN A 142 -22.59 6.99 -9.30
C GLN A 142 -21.41 7.79 -8.71
N ILE A 143 -21.47 8.06 -7.42
CA ILE A 143 -20.35 8.66 -6.70
C ILE A 143 -19.14 7.74 -6.79
N THR A 144 -19.33 6.46 -6.43
CA THR A 144 -18.28 5.47 -6.56
C THR A 144 -17.85 5.29 -8.01
N GLN A 145 -18.80 5.20 -8.91
CA GLN A 145 -18.48 5.06 -10.34
C GLN A 145 -17.54 6.17 -10.82
N ARG A 146 -17.90 7.42 -10.57
CA ARG A 146 -17.05 8.57 -11.01
C ARG A 146 -15.59 8.44 -10.45
N LYS A 147 -15.50 8.13 -9.17
CA LYS A 147 -14.23 7.92 -8.51
C LYS A 147 -13.47 6.76 -9.15
N TRP A 148 -14.13 5.65 -9.38
CA TRP A 148 -13.47 4.48 -9.95
C TRP A 148 -13.15 4.68 -11.44
N GLU A 149 -13.95 5.48 -12.16
CA GLU A 149 -13.59 5.84 -13.57
C GLU A 149 -12.32 6.71 -13.62
N ALA A 150 -12.34 7.74 -12.79
CA ALA A 150 -11.16 8.57 -12.61
C ALA A 150 -9.87 7.86 -12.24
N ALA A 151 -9.93 6.91 -11.30
CA ALA A 151 -8.75 6.14 -10.92
C ALA A 151 -8.41 4.99 -11.79
N ARG A 152 -9.17 4.75 -12.85
CA ARG A 152 -8.93 3.62 -13.71
C ARG A 152 -8.93 2.31 -12.99
N GLU A 153 -9.92 2.17 -12.09
CA GLU A 153 -10.11 0.91 -11.38
C GLU A 153 -10.26 -0.31 -12.26
N ALA A 154 -11.08 -0.26 -13.28
CA ALA A 154 -11.35 -1.45 -14.12
C ALA A 154 -10.09 -2.01 -14.78
N GLU A 155 -9.26 -1.14 -15.35
CA GLU A 155 -8.00 -1.58 -15.93
C GLU A 155 -7.18 -2.26 -14.87
N GLN A 156 -7.14 -1.69 -13.67
CA GLN A 156 -6.26 -2.30 -12.65
C GLN A 156 -6.77 -3.67 -12.23
N ARG A 157 -8.10 -3.89 -12.29
CA ARG A 157 -8.70 -5.13 -11.79
C ARG A 157 -8.52 -6.32 -12.74
N ARG A 158 -8.34 -6.00 -13.99
CA ARG A 158 -8.19 -6.95 -15.06
C ARG A 158 -7.00 -7.88 -14.92
N ALA A 159 -5.96 -7.46 -14.24
CA ALA A 159 -4.77 -8.27 -14.12
C ALA A 159 -5.03 -9.56 -13.35
N TYR A 160 -5.54 -9.42 -12.14
CA TYR A 160 -5.95 -10.58 -11.39
C TYR A 160 -7.01 -11.38 -12.16
N LEU A 161 -8.02 -10.71 -12.72
CA LEU A 161 -9.19 -11.44 -13.22
C LEU A 161 -8.81 -12.30 -14.45
N GLU A 162 -7.88 -11.80 -15.24
CA GLU A 162 -7.44 -12.50 -16.45
C GLU A 162 -6.25 -13.47 -16.22
N GLY A 163 -5.34 -13.17 -15.31
CA GLY A 163 -4.20 -14.03 -15.18
C GLY A 163 -4.26 -14.78 -13.90
N GLU A 164 -3.95 -14.08 -12.84
CA GLU A 164 -3.78 -14.75 -11.62
C GLU A 164 -4.99 -15.60 -11.19
N CYS A 165 -6.20 -15.08 -11.36
CA CYS A 165 -7.42 -15.80 -10.96
C CYS A 165 -7.51 -17.16 -11.64
N VAL A 166 -7.34 -17.13 -12.92
CA VAL A 166 -7.28 -18.28 -13.81
C VAL A 166 -6.21 -19.31 -13.46
N GLU A 167 -5.02 -18.83 -13.09
CA GLU A 167 -3.90 -19.69 -12.76
C GLU A 167 -4.15 -20.40 -11.44
N TRP A 168 -4.68 -19.69 -10.46
CA TRP A 168 -5.00 -20.38 -9.23
C TRP A 168 -6.09 -21.44 -9.50
N LEU A 169 -7.05 -21.09 -10.34
CA LEU A 169 -8.17 -22.00 -10.54
C LEU A 169 -7.57 -23.35 -11.03
N ARG A 170 -6.74 -23.28 -12.05
CA ARG A 170 -6.02 -24.46 -12.57
C ARG A 170 -5.26 -25.24 -11.49
N ARG A 171 -4.51 -24.54 -10.66
CA ARG A 171 -3.80 -25.23 -9.58
C ARG A 171 -4.80 -26.07 -8.78
N TYR A 172 -5.93 -25.46 -8.43
CA TYR A 172 -6.88 -26.05 -7.51
C TYR A 172 -7.59 -27.23 -8.18
N LEU A 173 -7.78 -27.14 -9.50
CA LEU A 173 -8.39 -28.25 -10.22
C LEU A 173 -7.46 -29.49 -10.17
N GLU A 174 -6.16 -29.20 -10.29
CA GLU A 174 -5.16 -30.23 -10.15
C GLU A 174 -5.22 -30.88 -8.78
N ASN A 175 -5.13 -30.09 -7.71
CA ASN A 175 -5.28 -30.56 -6.32
C ASN A 175 -6.47 -31.50 -6.09
N GLY A 176 -7.62 -31.10 -6.64
CA GLY A 176 -8.91 -31.71 -6.32
C GLY A 176 -9.30 -32.90 -7.17
N LYS A 177 -8.85 -32.91 -8.44
CA LYS A 177 -8.97 -34.06 -9.35
C LYS A 177 -10.42 -34.46 -9.59
N ASP A 178 -10.77 -35.67 -9.18
CA ASP A 178 -12.07 -36.24 -9.46
C ASP A 178 -13.13 -35.47 -8.76
N LYS A 179 -12.85 -35.19 -7.50
CA LYS A 179 -13.80 -34.50 -6.66
C LYS A 179 -14.32 -33.22 -7.34
N LEU A 180 -13.42 -32.54 -8.07
CA LEU A 180 -13.76 -31.31 -8.82
C LEU A 180 -14.12 -31.49 -10.29
N GLU A 181 -13.58 -32.49 -10.95
CA GLU A 181 -13.74 -32.57 -12.39
C GLU A 181 -14.71 -33.62 -12.88
N ARG A 182 -15.14 -34.55 -12.02
CA ARG A 182 -16.11 -35.54 -12.50
C ARG A 182 -17.47 -35.43 -11.80
N ALA A 183 -18.52 -35.19 -12.57
CA ALA A 183 -19.84 -35.00 -11.95
C ALA A 183 -20.32 -36.26 -11.21
N ASP A 184 -20.90 -36.07 -10.03
CA ASP A 184 -21.45 -37.14 -9.21
C ASP A 184 -22.96 -37.26 -9.47
N PRO A 185 -23.39 -38.31 -10.22
CA PRO A 185 -24.79 -38.35 -10.72
C PRO A 185 -25.86 -38.41 -9.62
N PRO A 186 -27.06 -37.91 -9.93
CA PRO A 186 -28.17 -38.11 -9.02
C PRO A 186 -28.57 -39.57 -8.87
N LYS A 187 -28.35 -40.15 -7.69
CA LYS A 187 -29.20 -41.23 -7.18
C LYS A 187 -30.66 -40.74 -7.23
N THR A 188 -31.65 -41.60 -7.00
CA THR A 188 -33.07 -41.16 -7.07
C THR A 188 -34.06 -42.11 -6.35
N HIS A 189 -35.33 -41.69 -6.31
CA HIS A 189 -36.44 -42.46 -5.75
C HIS A 189 -37.70 -41.74 -6.23
N VAL A 190 -38.81 -42.46 -6.31
CA VAL A 190 -40.13 -41.83 -6.50
C VAL A 190 -41.06 -42.32 -5.37
N THR A 191 -41.65 -41.37 -4.65
CA THR A 191 -42.68 -41.67 -3.68
C THR A 191 -44.07 -41.28 -4.23
N HIS A 192 -45.10 -41.78 -3.54
CA HIS A 192 -46.50 -41.69 -3.96
C HIS A 192 -47.32 -41.59 -2.71
N HIS A 193 -48.24 -40.63 -2.69
CA HIS A 193 -49.04 -40.39 -1.48
C HIS A 193 -50.44 -39.87 -1.80
N PRO A 194 -51.45 -40.76 -1.66
CA PRO A 194 -52.82 -40.34 -1.93
C PRO A 194 -53.16 -39.13 -1.11
N ILE A 195 -53.73 -38.09 -1.71
CA ILE A 195 -54.32 -37.02 -0.90
C ILE A 195 -55.85 -37.17 -0.74
N SER A 196 -56.49 -38.03 -1.55
CA SER A 196 -57.92 -38.34 -1.38
C SER A 196 -58.21 -39.64 -2.08
N ASP A 197 -59.50 -40.01 -2.21
CA ASP A 197 -59.83 -41.23 -2.96
C ASP A 197 -59.67 -41.12 -4.48
N HIS A 198 -59.49 -39.89 -4.99
CA HIS A 198 -59.29 -39.66 -6.45
C HIS A 198 -57.92 -39.01 -6.93
N GLU A 199 -57.08 -38.55 -5.99
CA GLU A 199 -55.76 -37.94 -6.30
C GLU A 199 -54.63 -38.34 -5.35
N ALA A 200 -53.41 -38.32 -5.90
CA ALA A 200 -52.20 -38.67 -5.18
C ALA A 200 -51.14 -37.66 -5.52
N THR A 201 -50.15 -37.61 -4.65
CA THR A 201 -48.90 -36.93 -4.95
C THR A 201 -47.88 -37.91 -5.46
N LEU A 202 -47.26 -37.58 -6.58
CA LEU A 202 -46.01 -38.21 -6.96
C LEU A 202 -44.89 -37.22 -6.78
N ARG A 203 -43.90 -37.62 -6.01
CA ARG A 203 -42.71 -36.78 -5.78
C ARG A 203 -41.48 -37.48 -6.34
N CYS A 204 -40.78 -36.76 -7.21
CA CYS A 204 -39.49 -37.20 -7.73
C CYS A 204 -38.30 -36.65 -6.94
N TRP A 205 -37.41 -37.55 -6.53
CA TRP A 205 -36.28 -37.28 -5.63
C TRP A 205 -34.93 -37.43 -6.35
N ALA A 206 -34.02 -36.48 -6.11
CA ALA A 206 -32.71 -36.45 -6.77
C ALA A 206 -31.73 -36.08 -5.70
N LEU A 207 -30.82 -37.00 -5.43
CA LEU A 207 -30.06 -36.98 -4.19
C LEU A 207 -28.58 -37.25 -4.44
N GLY A 208 -27.75 -36.86 -3.48
CA GLY A 208 -26.29 -37.03 -3.56
C GLY A 208 -25.68 -36.64 -4.89
N PHE A 209 -26.12 -35.55 -5.47
CA PHE A 209 -25.52 -35.10 -6.69
C PHE A 209 -24.60 -33.86 -6.52
N TYR A 210 -23.82 -33.61 -7.57
CA TYR A 210 -22.80 -32.58 -7.63
C TYR A 210 -22.37 -32.49 -9.09
N PRO A 211 -22.35 -31.26 -9.65
CA PRO A 211 -22.58 -29.94 -9.08
C PRO A 211 -24.08 -29.67 -8.86
N ALA A 212 -24.41 -28.49 -8.32
CA ALA A 212 -25.79 -28.23 -7.93
C ALA A 212 -26.75 -28.11 -9.12
N GLU A 213 -26.32 -27.59 -10.26
CA GLU A 213 -27.22 -27.45 -11.41
C GLU A 213 -27.92 -28.78 -11.76
N ILE A 214 -29.26 -28.74 -11.91
CA ILE A 214 -30.07 -29.95 -12.20
C ILE A 214 -31.42 -29.52 -12.70
N THR A 215 -32.05 -30.33 -13.53
CA THR A 215 -33.43 -30.07 -13.91
C THR A 215 -34.27 -31.32 -13.56
N LEU A 216 -35.38 -31.08 -12.88
CA LEU A 216 -36.32 -32.13 -12.53
C LEU A 216 -37.64 -31.75 -13.18
N THR A 217 -38.16 -32.61 -14.07
CA THR A 217 -39.43 -32.32 -14.80
C THR A 217 -40.42 -33.51 -14.90
N TRP A 218 -41.66 -33.22 -14.46
CA TRP A 218 -42.78 -34.16 -14.54
C TRP A 218 -43.42 -34.05 -15.89
N GLN A 219 -43.56 -35.19 -16.53
CA GLN A 219 -44.30 -35.28 -17.80
C GLN A 219 -45.52 -36.17 -17.64
N ARG A 220 -46.56 -35.86 -18.40
CA ARG A 220 -47.68 -36.77 -18.62
C ARG A 220 -47.77 -37.05 -20.10
N ASP A 221 -47.72 -38.36 -20.42
CA ASP A 221 -47.74 -38.86 -21.80
C ASP A 221 -46.63 -38.26 -22.69
N GLY A 222 -45.60 -37.66 -22.08
CA GLY A 222 -44.57 -36.97 -22.85
C GLY A 222 -44.46 -35.46 -22.67
N GLU A 223 -45.56 -34.71 -22.59
CA GLU A 223 -45.45 -33.24 -22.44
C GLU A 223 -45.24 -32.83 -20.96
N ASP A 224 -44.45 -31.78 -20.74
CA ASP A 224 -44.07 -31.34 -19.40
C ASP A 224 -45.24 -30.76 -18.62
N GLN A 225 -45.23 -30.94 -17.29
CA GLN A 225 -46.33 -30.51 -16.40
C GLN A 225 -45.99 -29.19 -15.71
N THR A 226 -45.86 -28.17 -16.54
CA THR A 226 -45.13 -26.96 -16.17
C THR A 226 -45.62 -26.27 -14.89
N GLN A 227 -46.82 -25.73 -14.90
CA GLN A 227 -47.25 -24.87 -13.81
C GLN A 227 -47.94 -25.60 -12.65
N ASP A 228 -48.05 -26.93 -12.70
CA ASP A 228 -48.59 -27.69 -11.55
C ASP A 228 -47.52 -28.54 -10.83
N THR A 229 -46.27 -28.16 -10.97
CA THR A 229 -45.21 -28.85 -10.30
C THR A 229 -44.81 -27.99 -9.10
N GLU A 230 -44.68 -28.62 -7.91
CA GLU A 230 -43.97 -27.97 -6.79
C GLU A 230 -42.49 -28.37 -6.82
N LEU A 231 -41.62 -27.38 -6.84
CA LEU A 231 -40.16 -27.54 -6.71
C LEU A 231 -39.68 -26.93 -5.42
N VAL A 232 -38.69 -27.54 -4.81
CA VAL A 232 -38.00 -26.90 -3.66
C VAL A 232 -36.67 -26.49 -4.17
N GLU A 233 -36.10 -25.50 -3.50
CA GLU A 233 -34.83 -25.00 -3.86
C GLU A 233 -33.82 -26.16 -3.72
N THR A 234 -32.83 -26.20 -4.56
CA THR A 234 -31.74 -27.12 -4.38
C THR A 234 -30.98 -26.89 -3.07
N ARG A 235 -30.72 -27.96 -2.35
CA ARG A 235 -30.31 -27.86 -0.95
C ARG A 235 -29.07 -28.71 -0.75
N PRO A 236 -28.16 -28.28 0.15
CA PRO A 236 -26.92 -29.00 0.30
C PRO A 236 -27.15 -30.17 1.25
N ALA A 237 -26.57 -31.29 0.93
CA ALA A 237 -26.72 -32.53 1.72
C ALA A 237 -25.90 -32.49 3.01
N GLY A 238 -24.85 -31.68 3.06
CA GLY A 238 -24.06 -31.52 4.29
C GLY A 238 -22.66 -32.14 4.24
N ASP A 239 -22.40 -32.84 3.14
CA ASP A 239 -21.15 -33.54 2.86
C ASP A 239 -20.74 -33.25 1.42
N ARG A 240 -20.99 -32.01 0.98
CA ARG A 240 -20.64 -31.51 -0.37
C ARG A 240 -21.48 -31.97 -1.52
N THR A 241 -22.56 -32.72 -1.30
CA THR A 241 -23.50 -33.05 -2.39
C THR A 241 -24.82 -32.25 -2.22
N PHE A 242 -25.69 -32.33 -3.21
CA PHE A 242 -26.92 -31.55 -3.27
C PHE A 242 -28.17 -32.43 -3.44
N GLN A 243 -29.33 -31.84 -3.13
CA GLN A 243 -30.62 -32.51 -3.26
C GLN A 243 -31.67 -31.59 -3.81
N LYS A 244 -32.63 -32.21 -4.49
CA LYS A 244 -33.81 -31.50 -4.91
C LYS A 244 -34.98 -32.50 -5.03
N TRP A 245 -36.20 -31.97 -4.99
CA TRP A 245 -37.38 -32.71 -5.39
C TRP A 245 -38.41 -31.84 -6.09
N ALA A 246 -39.24 -32.53 -6.88
CA ALA A 246 -40.34 -31.97 -7.69
C ALA A 246 -41.54 -32.90 -7.51
N ALA A 247 -42.70 -32.28 -7.34
CA ALA A 247 -43.89 -33.06 -7.02
C ALA A 247 -45.07 -32.56 -7.79
N VAL A 248 -45.91 -33.51 -8.15
CA VAL A 248 -47.13 -33.20 -8.88
C VAL A 248 -48.27 -34.06 -8.33
N VAL A 249 -49.45 -33.48 -8.36
CA VAL A 249 -50.66 -34.14 -7.90
C VAL A 249 -51.41 -34.72 -9.10
N VAL A 250 -51.68 -36.03 -9.08
CA VAL A 250 -52.26 -36.68 -10.27
C VAL A 250 -53.55 -37.46 -9.89
N PRO A 251 -54.49 -37.63 -10.84
CA PRO A 251 -55.58 -38.61 -10.65
C PRO A 251 -55.14 -40.04 -10.33
N SER A 252 -55.83 -40.65 -9.37
CA SER A 252 -55.48 -41.99 -8.88
C SER A 252 -55.85 -42.97 -9.98
N GLY A 253 -55.04 -44.01 -10.16
CA GLY A 253 -55.20 -44.90 -11.31
C GLY A 253 -54.52 -44.40 -12.61
N GLU A 254 -53.91 -43.21 -12.59
CA GLU A 254 -53.23 -42.69 -13.78
C GLU A 254 -51.72 -42.53 -13.61
N GLU A 255 -51.21 -42.97 -12.46
CA GLU A 255 -49.79 -42.76 -12.08
C GLU A 255 -48.83 -43.27 -13.18
N GLN A 256 -49.29 -44.32 -13.85
CA GLN A 256 -48.64 -44.89 -15.04
C GLN A 256 -48.44 -43.88 -16.18
N ARG A 257 -49.28 -42.87 -16.31
CA ARG A 257 -49.06 -41.87 -17.36
C ARG A 257 -47.82 -40.95 -17.12
N TYR A 258 -47.32 -40.91 -15.89
CA TYR A 258 -46.36 -39.88 -15.48
C TYR A 258 -44.91 -40.34 -15.35
N THR A 259 -44.02 -39.59 -15.98
CA THR A 259 -42.57 -39.79 -15.85
C THR A 259 -41.83 -38.54 -15.40
N CYS A 260 -40.73 -38.77 -14.71
CA CYS A 260 -39.97 -37.67 -14.18
C CYS A 260 -38.64 -37.68 -14.87
N HIS A 261 -38.41 -36.64 -15.69
CA HIS A 261 -37.12 -36.46 -16.35
C HIS A 261 -36.04 -35.69 -15.55
N VAL A 262 -34.92 -36.35 -15.30
CA VAL A 262 -33.84 -35.82 -14.51
C VAL A 262 -32.61 -35.51 -15.39
N GLN A 263 -32.26 -34.22 -15.47
CA GLN A 263 -31.10 -33.69 -16.26
C GLN A 263 -29.93 -33.21 -15.38
N HIS A 264 -28.79 -33.87 -15.43
CA HIS A 264 -27.62 -33.53 -14.59
C HIS A 264 -26.36 -33.94 -15.35
N GLU A 265 -25.31 -33.14 -15.22
CA GLU A 265 -24.07 -33.36 -15.96
C GLU A 265 -23.45 -34.77 -15.71
N GLY A 266 -23.73 -35.37 -14.56
CA GLY A 266 -23.25 -36.71 -14.24
C GLY A 266 -24.01 -37.88 -14.84
N LEU A 267 -24.89 -37.61 -15.81
CA LEU A 267 -25.66 -38.67 -16.42
C LEU A 267 -25.27 -38.83 -17.88
N PRO A 268 -24.84 -40.05 -18.28
CA PRO A 268 -24.64 -40.28 -19.72
C PRO A 268 -25.87 -39.82 -20.52
N LYS A 269 -27.07 -40.12 -20.02
CA LYS A 269 -28.31 -39.66 -20.67
C LYS A 269 -29.40 -39.27 -19.64
N PRO A 270 -30.31 -38.34 -20.01
CA PRO A 270 -31.44 -37.97 -19.13
C PRO A 270 -32.23 -39.16 -18.52
N LEU A 271 -32.11 -39.39 -17.20
CA LEU A 271 -32.92 -40.42 -16.55
C LEU A 271 -34.40 -40.16 -16.84
N THR A 272 -35.17 -41.24 -16.91
CA THR A 272 -36.67 -41.20 -16.95
C THR A 272 -37.22 -42.13 -15.88
N LEU A 273 -37.78 -41.56 -14.82
CA LEU A 273 -38.28 -42.33 -13.68
C LEU A 273 -39.81 -42.47 -13.73
N ARG A 274 -40.33 -43.59 -13.20
CA ARG A 274 -41.79 -43.98 -13.16
C ARG A 274 -42.17 -44.52 -11.78
N TRP A 275 -43.45 -44.47 -11.44
CA TRP A 275 -43.89 -45.06 -10.17
C TRP A 275 -44.43 -46.50 -10.34
N MET B 1 -33.12 -0.62 2.76
CA MET B 1 -32.99 -2.02 3.18
C MET B 1 -34.33 -2.73 3.22
N ILE B 2 -34.60 -3.50 2.19
CA ILE B 2 -35.64 -4.48 2.28
C ILE B 2 -35.01 -5.68 3.04
N GLN B 3 -35.83 -6.22 3.91
CA GLN B 3 -35.50 -7.36 4.70
C GLN B 3 -36.21 -8.51 4.01
N ARG B 4 -35.66 -9.72 4.10
CA ARG B 4 -36.12 -10.85 3.27
C ARG B 4 -36.11 -12.00 4.28
N THR B 5 -37.27 -12.63 4.44
CA THR B 5 -37.49 -13.62 5.47
C THR B 5 -36.93 -14.92 4.95
N PRO B 6 -36.41 -15.77 5.83
CA PRO B 6 -35.78 -16.99 5.34
C PRO B 6 -36.72 -18.07 4.86
N LYS B 7 -36.27 -18.77 3.82
CA LYS B 7 -36.90 -20.00 3.43
C LYS B 7 -36.23 -21.02 4.30
N ILE B 8 -36.97 -22.07 4.65
CA ILE B 8 -36.47 -23.07 5.61
C ILE B 8 -36.80 -24.46 5.08
N GLN B 9 -35.82 -25.33 5.03
CA GLN B 9 -36.10 -26.71 4.75
C GLN B 9 -35.42 -27.53 5.82
N VAL B 10 -36.14 -28.54 6.29
CA VAL B 10 -35.61 -29.52 7.29
C VAL B 10 -35.62 -30.86 6.67
N TYR B 11 -34.49 -31.54 6.70
CA TYR B 11 -34.33 -32.81 6.03
C TYR B 11 -33.11 -33.57 6.56
N SER B 12 -32.90 -34.79 6.08
CA SER B 12 -31.80 -35.62 6.59
C SER B 12 -30.71 -35.70 5.57
N ARG B 13 -29.44 -35.88 5.97
CA ARG B 13 -28.40 -36.08 4.91
C ARG B 13 -28.66 -37.24 3.96
N HIS B 14 -29.24 -38.31 4.52
CA HIS B 14 -29.39 -39.60 3.86
C HIS B 14 -30.82 -40.01 4.05
N PRO B 15 -31.39 -40.73 3.07
CA PRO B 15 -32.68 -41.32 3.36
C PRO B 15 -32.62 -42.05 4.69
N ALA B 16 -33.63 -41.90 5.54
CA ALA B 16 -33.57 -42.44 6.87
C ALA B 16 -33.87 -43.94 6.90
N GLU B 17 -33.36 -44.55 7.98
CA GLU B 17 -33.61 -45.96 8.41
C GLU B 17 -33.49 -45.96 9.94
N ASN B 18 -34.54 -46.42 10.65
CA ASN B 18 -34.59 -46.24 12.11
C ASN B 18 -33.41 -46.90 12.83
N GLY B 19 -32.92 -46.23 13.86
CA GLY B 19 -31.78 -46.70 14.63
C GLY B 19 -30.43 -46.55 13.95
N LYS B 20 -30.36 -45.87 12.82
CA LYS B 20 -29.09 -45.65 12.13
C LYS B 20 -28.63 -44.19 12.20
N SER B 21 -27.35 -44.01 12.51
CA SER B 21 -26.72 -42.70 12.55
C SER B 21 -26.93 -41.88 11.24
N ASN B 22 -27.14 -40.57 11.40
CA ASN B 22 -27.45 -39.68 10.26
C ASN B 22 -27.18 -38.25 10.73
N PHE B 23 -27.52 -37.28 9.87
CA PHE B 23 -27.51 -35.87 10.24
C PHE B 23 -28.85 -35.22 10.00
N LEU B 24 -29.37 -34.54 10.99
CA LEU B 24 -30.54 -33.76 10.78
C LEU B 24 -30.08 -32.37 10.21
N ASN B 25 -30.65 -31.94 9.07
CA ASN B 25 -30.33 -30.61 8.45
C ASN B 25 -31.45 -29.63 8.58
N CYS B 26 -31.10 -28.36 8.86
CA CYS B 26 -31.99 -27.24 8.71
C CYS B 26 -31.35 -26.15 7.83
N TYR B 27 -31.80 -26.09 6.56
CA TYR B 27 -31.22 -25.17 5.57
C TYR B 27 -32.02 -23.90 5.50
N VAL B 28 -31.37 -22.79 5.81
CA VAL B 28 -32.03 -21.50 5.82
C VAL B 28 -31.36 -20.67 4.71
N SER B 29 -32.22 -20.08 3.85
CA SER B 29 -31.74 -19.40 2.65
C SER B 29 -32.64 -18.22 2.28
N GLY B 30 -32.15 -17.40 1.39
CA GLY B 30 -32.96 -16.31 0.92
C GLY B 30 -33.13 -15.15 1.85
N PHE B 31 -32.39 -15.10 2.96
CA PHE B 31 -32.70 -14.11 3.95
C PHE B 31 -31.78 -12.87 3.96
N HIS B 32 -32.30 -11.78 4.54
CA HIS B 32 -31.49 -10.57 4.68
C HIS B 32 -32.19 -9.69 5.73
N PRO B 33 -31.46 -9.20 6.73
CA PRO B 33 -30.03 -9.26 6.96
C PRO B 33 -29.56 -10.58 7.47
N SER B 34 -28.28 -10.66 7.75
CA SER B 34 -27.62 -11.93 7.94
C SER B 34 -27.73 -12.49 9.32
N ASP B 35 -28.13 -11.72 10.33
CA ASP B 35 -28.28 -12.31 11.70
C ASP B 35 -29.50 -13.22 11.72
N ILE B 36 -29.36 -14.41 12.25
CA ILE B 36 -30.48 -15.31 12.29
C ILE B 36 -30.24 -16.30 13.41
N GLU B 37 -31.32 -16.76 14.06
CA GLU B 37 -31.22 -17.79 15.07
C GLU B 37 -31.92 -19.07 14.58
N VAL B 38 -31.20 -20.16 14.61
CA VAL B 38 -31.73 -21.44 14.24
C VAL B 38 -31.42 -22.55 15.24
N ASP B 39 -32.46 -23.14 15.82
CA ASP B 39 -32.32 -24.33 16.69
C ASP B 39 -32.92 -25.60 16.09
N LEU B 40 -32.28 -26.71 16.34
CA LEU B 40 -32.88 -28.01 16.09
C LEU B 40 -33.58 -28.47 17.41
N LEU B 41 -34.78 -29.05 17.25
CA LEU B 41 -35.59 -29.54 18.31
C LEU B 41 -35.74 -31.07 18.20
N LYS B 42 -35.64 -31.75 19.35
CA LYS B 42 -35.96 -33.18 19.44
C LYS B 42 -37.11 -33.28 20.40
N ASN B 43 -38.17 -33.90 19.94
CA ASN B 43 -39.39 -33.98 20.72
C ASN B 43 -39.66 -32.66 21.44
N GLY B 44 -39.43 -31.57 20.72
CA GLY B 44 -39.87 -30.26 21.16
C GLY B 44 -38.83 -29.44 21.88
N GLU B 45 -37.65 -30.01 22.14
CA GLU B 45 -36.65 -29.31 22.96
C GLU B 45 -35.35 -29.23 22.26
N ARG B 46 -34.69 -28.10 22.50
CA ARG B 46 -33.44 -27.78 21.82
C ARG B 46 -32.42 -28.87 21.96
N ILE B 47 -31.73 -29.16 20.87
CA ILE B 47 -30.58 -30.02 20.90
C ILE B 47 -29.36 -29.15 21.15
N GLU B 48 -28.37 -29.74 21.82
CA GLU B 48 -27.22 -29.02 22.36
C GLU B 48 -26.05 -28.84 21.42
N LYS B 49 -25.71 -29.86 20.63
CA LYS B 49 -24.48 -29.78 19.83
C LYS B 49 -24.71 -29.71 18.31
N VAL B 50 -25.15 -28.53 17.87
CA VAL B 50 -25.48 -28.26 16.46
C VAL B 50 -24.42 -27.35 15.82
N GLU B 51 -23.80 -27.81 14.75
CA GLU B 51 -22.89 -26.98 14.01
C GLU B 51 -23.68 -26.22 12.89
N HIS B 52 -23.02 -25.26 12.23
CA HIS B 52 -23.56 -24.64 11.04
C HIS B 52 -22.43 -24.34 10.04
N SER B 53 -22.71 -24.36 8.74
CA SER B 53 -21.82 -23.83 7.68
C SER B 53 -21.39 -22.36 7.85
N ASP B 54 -20.42 -21.96 7.04
CA ASP B 54 -19.89 -20.61 7.04
C ASP B 54 -20.83 -19.68 6.23
N LEU B 55 -21.20 -18.54 6.79
CA LEU B 55 -21.98 -17.55 6.06
C LEU B 55 -21.58 -17.28 4.61
N SER B 56 -22.51 -17.60 3.72
CA SER B 56 -22.33 -17.28 2.28
C SER B 56 -23.60 -16.75 1.67
N PHE B 57 -23.54 -16.42 0.38
CA PHE B 57 -24.71 -15.82 -0.22
C PHE B 57 -24.84 -16.14 -1.69
N SER B 58 -26.07 -16.04 -2.19
CA SER B 58 -26.42 -16.33 -3.57
C SER B 58 -26.18 -15.13 -4.50
N LYS B 59 -26.46 -15.37 -5.76
CA LYS B 59 -26.31 -14.37 -6.80
C LYS B 59 -27.13 -13.14 -6.52
N ASP B 60 -28.25 -13.28 -5.83
CA ASP B 60 -29.15 -12.16 -5.62
C ASP B 60 -28.81 -11.53 -4.29
N TRP B 61 -27.71 -12.02 -3.69
CA TRP B 61 -27.17 -11.44 -2.48
C TRP B 61 -27.75 -11.94 -1.16
N SER B 62 -28.82 -12.73 -1.25
CA SER B 62 -29.44 -13.32 -0.09
C SER B 62 -28.50 -14.39 0.54
N PHE B 63 -28.52 -14.45 1.84
CA PHE B 63 -27.66 -15.32 2.61
C PHE B 63 -28.24 -16.73 2.73
N TYR B 64 -27.36 -17.71 2.89
CA TYR B 64 -27.80 -19.06 3.17
C TYR B 64 -26.85 -19.68 4.21
N LEU B 65 -27.44 -20.50 5.08
CA LEU B 65 -26.68 -21.26 6.08
C LEU B 65 -27.24 -22.70 6.17
N LEU B 66 -26.37 -23.66 6.48
CA LEU B 66 -26.75 -25.03 6.81
C LEU B 66 -26.48 -25.33 8.28
N TYR B 67 -27.55 -25.57 9.07
CA TYR B 67 -27.40 -26.08 10.44
C TYR B 67 -27.61 -27.64 10.48
N TYR B 68 -26.82 -28.32 11.31
CA TYR B 68 -26.80 -29.78 11.28
C TYR B 68 -26.30 -30.39 12.60
N THR B 69 -26.64 -31.66 12.78
CA THR B 69 -26.34 -32.41 14.01
C THR B 69 -26.42 -33.89 13.69
N GLU B 70 -25.45 -34.65 14.20
CA GLU B 70 -25.43 -36.11 14.03
C GLU B 70 -26.62 -36.66 14.80
N PHE B 71 -27.40 -37.54 14.20
CA PHE B 71 -28.47 -38.19 14.94
C PHE B 71 -28.69 -39.62 14.46
N THR B 72 -29.50 -40.36 15.21
CA THR B 72 -30.00 -41.67 14.74
C THR B 72 -31.51 -41.64 15.02
N PRO B 73 -32.32 -41.71 13.97
CA PRO B 73 -33.75 -41.55 14.23
C PRO B 73 -34.35 -42.82 14.84
N THR B 74 -35.36 -42.66 15.68
CA THR B 74 -36.16 -43.79 16.16
C THR B 74 -37.62 -43.47 15.97
N GLU B 75 -38.44 -44.51 15.90
CA GLU B 75 -39.77 -44.39 15.32
C GLU B 75 -40.66 -43.39 16.07
N LYS B 76 -40.51 -43.28 17.39
CA LYS B 76 -41.28 -42.31 18.20
C LYS B 76 -40.67 -40.90 18.28
N ASP B 77 -39.48 -40.70 17.72
CA ASP B 77 -38.78 -39.41 17.84
C ASP B 77 -39.23 -38.38 16.78
N GLU B 78 -39.68 -37.21 17.23
CA GLU B 78 -40.17 -36.13 16.36
C GLU B 78 -39.15 -34.96 16.29
N TYR B 79 -38.78 -34.55 15.08
CA TYR B 79 -37.73 -33.52 14.92
C TYR B 79 -38.25 -32.31 14.16
N ALA B 80 -37.66 -31.15 14.49
CA ALA B 80 -38.05 -29.91 13.89
C ALA B 80 -36.91 -28.88 13.91
N CYS B 81 -37.13 -27.74 13.26
CA CYS B 81 -36.13 -26.70 13.15
C CYS B 81 -36.86 -25.48 13.60
N ARG B 82 -36.28 -24.68 14.50
CA ARG B 82 -36.91 -23.43 14.92
C ARG B 82 -36.05 -22.25 14.52
N VAL B 83 -36.66 -21.24 13.92
CA VAL B 83 -35.93 -20.14 13.26
C VAL B 83 -36.46 -18.78 13.71
N ASN B 84 -35.58 -17.88 14.15
CA ASN B 84 -35.98 -16.47 14.36
C ASN B 84 -35.11 -15.52 13.55
N HIS B 85 -35.70 -14.39 13.18
CA HIS B 85 -35.06 -13.48 12.27
C HIS B 85 -35.87 -12.24 12.46
N VAL B 86 -35.22 -11.09 12.25
CA VAL B 86 -35.92 -9.81 12.43
C VAL B 86 -37.21 -9.72 11.64
N THR B 87 -37.37 -10.49 10.58
CA THR B 87 -38.58 -10.39 9.77
C THR B 87 -39.73 -11.23 10.37
N LEU B 88 -39.49 -11.99 11.45
CA LEU B 88 -40.52 -12.87 12.04
C LEU B 88 -41.02 -12.28 13.36
N SER B 89 -42.33 -12.02 13.45
CA SER B 89 -42.90 -11.47 14.70
C SER B 89 -42.75 -12.45 15.82
N GLN B 90 -42.79 -13.72 15.49
CA GLN B 90 -42.60 -14.79 16.46
C GLN B 90 -41.87 -15.87 15.74
N PRO B 91 -41.19 -16.73 16.44
CA PRO B 91 -40.39 -17.72 15.75
C PRO B 91 -41.17 -18.75 14.94
N LYS B 92 -40.44 -19.41 14.03
CA LYS B 92 -41.04 -20.30 13.07
C LYS B 92 -40.45 -21.68 13.17
N ILE B 93 -41.34 -22.67 13.23
CA ILE B 93 -40.94 -24.06 13.48
C ILE B 93 -41.37 -24.92 12.29
N VAL B 94 -40.45 -25.70 11.75
CA VAL B 94 -40.74 -26.53 10.58
C VAL B 94 -40.38 -27.96 10.97
N LYS B 95 -41.40 -28.81 10.99
CA LYS B 95 -41.24 -30.21 11.39
C LYS B 95 -40.59 -30.99 10.30
N TRP B 96 -39.80 -31.98 10.67
CA TRP B 96 -39.31 -32.93 9.70
C TRP B 96 -40.37 -33.99 9.41
N ASP B 97 -40.77 -34.04 8.15
CA ASP B 97 -41.76 -35.00 7.66
C ASP B 97 -41.00 -36.18 7.06
N ARG B 98 -41.04 -37.29 7.78
CA ARG B 98 -40.35 -38.51 7.39
C ARG B 98 -41.14 -39.24 6.30
N ASP B 99 -42.35 -38.75 5.96
CA ASP B 99 -43.25 -39.49 5.05
C ASP B 99 -43.50 -38.80 3.67
N MET B 100 -42.46 -38.13 3.18
CA MET B 100 -42.51 -37.36 1.93
C MET B 100 -42.47 -38.29 0.71
N SER C 1 -6.62 -18.37 -4.53
CA SER C 1 -6.16 -17.29 -3.61
C SER C 1 -6.86 -15.94 -3.93
N PRO C 2 -7.22 -15.19 -2.89
CA PRO C 2 -7.82 -13.87 -3.06
C PRO C 2 -6.86 -12.91 -3.70
N ARG C 3 -7.41 -11.85 -4.29
CA ARG C 3 -6.61 -10.88 -4.94
C ARG C 3 -5.88 -9.93 -3.99
N TRP C 4 -4.67 -9.53 -4.37
CA TRP C 4 -3.93 -8.52 -3.61
C TRP C 4 -4.28 -7.23 -4.27
N TYR C 5 -5.35 -6.60 -3.80
CA TYR C 5 -5.95 -5.44 -4.48
C TYR C 5 -6.88 -4.76 -3.50
N PHE C 6 -6.71 -3.46 -3.31
CA PHE C 6 -7.44 -2.71 -2.27
C PHE C 6 -8.07 -1.40 -2.84
N TYR C 7 -9.25 -1.06 -2.33
CA TYR C 7 -10.09 0.03 -2.85
C TYR C 7 -11.01 0.53 -1.73
N TYR C 8 -11.59 1.72 -1.94
CA TYR C 8 -12.73 2.25 -1.18
C TYR C 8 -13.91 2.52 -2.14
N LEU C 9 -15.10 2.17 -1.67
CA LEU C 9 -16.32 2.57 -2.32
C LEU C 9 -16.54 4.05 -1.98
N PRO D 9 28.85 1.76 -1.25
CA PRO D 9 27.70 2.53 -1.77
C PRO D 9 27.72 2.62 -3.31
N GLN D 10 26.61 2.30 -3.99
CA GLN D 10 26.53 2.35 -5.47
C GLN D 10 26.47 3.81 -5.90
N ALA D 11 27.23 4.16 -6.95
CA ALA D 11 27.28 5.52 -7.43
C ALA D 11 27.44 5.51 -8.95
N LEU D 12 26.89 6.52 -9.59
CA LEU D 12 26.88 6.64 -11.02
C LEU D 12 27.04 8.09 -11.38
N SER D 13 28.06 8.36 -12.21
CA SER D 13 28.30 9.69 -12.71
C SER D 13 28.11 9.76 -14.21
N ILE D 14 27.34 10.73 -14.73
CA ILE D 14 27.21 10.92 -16.17
C ILE D 14 27.21 12.39 -16.56
N GLN D 15 27.19 12.64 -17.88
CA GLN D 15 27.04 13.98 -18.39
C GLN D 15 25.59 14.26 -18.76
N GLU D 16 25.16 15.50 -18.54
CA GLU D 16 23.85 15.93 -18.95
C GLU D 16 23.65 15.50 -20.40
N GLY D 17 22.48 14.97 -20.70
CA GLY D 17 22.15 14.59 -22.03
C GLY D 17 22.21 13.10 -22.18
N GLU D 18 23.16 12.47 -21.52
CA GLU D 18 23.22 11.03 -21.52
C GLU D 18 22.05 10.40 -20.74
N ASN D 19 21.92 9.11 -20.95
CA ASN D 19 20.95 8.30 -20.29
C ASN D 19 21.57 7.67 -19.05
N ALA D 20 20.75 7.49 -18.04
CA ALA D 20 21.20 6.86 -16.79
C ALA D 20 20.40 5.61 -16.53
N THR D 21 21.07 4.51 -16.18
CA THR D 21 20.40 3.31 -15.80
C THR D 21 20.86 2.98 -14.41
N MET D 22 19.90 2.65 -13.54
CA MET D 22 20.17 2.21 -12.16
C MET D 22 19.39 0.95 -11.88
N ASN D 23 19.91 0.14 -10.96
CA ASN D 23 19.36 -1.14 -10.67
C ASN D 23 19.15 -1.32 -9.18
N CYS D 24 18.21 -2.18 -8.81
CA CYS D 24 18.03 -2.57 -7.44
C CYS D 24 17.55 -3.94 -7.41
N SER D 25 17.70 -4.57 -6.28
CA SER D 25 17.18 -5.89 -6.11
C SER D 25 16.46 -6.00 -4.78
N TYR D 26 15.76 -7.12 -4.60
CA TYR D 26 14.92 -7.36 -3.42
C TYR D 26 14.91 -8.82 -3.09
N LYS D 27 14.41 -9.21 -1.92
CA LYS D 27 14.59 -10.58 -1.42
C LYS D 27 13.35 -11.44 -1.36
N THR D 28 12.17 -10.88 -1.36
CA THR D 28 11.01 -11.72 -1.13
C THR D 28 10.15 -11.69 -2.34
N SER D 29 9.18 -12.57 -2.37
CA SER D 29 8.15 -12.48 -3.38
C SER D 29 7.36 -11.14 -3.18
N ILE D 30 7.08 -10.42 -4.25
CA ILE D 30 6.40 -9.12 -4.14
C ILE D 30 5.20 -8.99 -5.07
N ASN D 31 4.44 -7.93 -4.85
CA ASN D 31 3.32 -7.51 -5.69
C ASN D 31 3.56 -6.26 -6.48
N ASN D 32 4.39 -5.34 -5.94
CA ASN D 32 4.80 -4.16 -6.64
C ASN D 32 6.15 -3.64 -6.22
N LEU D 33 6.74 -2.82 -7.07
CA LEU D 33 8.03 -2.16 -6.78
C LEU D 33 7.87 -0.71 -7.17
N GLN D 34 8.30 0.18 -6.30
CA GLN D 34 8.22 1.63 -6.51
C GLN D 34 9.59 2.23 -6.39
N TRP D 35 9.95 3.03 -7.38
CA TRP D 35 11.19 3.81 -7.35
C TRP D 35 10.88 5.16 -6.77
N TYR D 36 11.81 5.67 -5.95
CA TYR D 36 11.79 6.99 -5.36
C TYR D 36 13.09 7.71 -5.63
N ARG D 37 13.04 9.02 -5.53
CA ARG D 37 14.22 9.87 -5.56
C ARG D 37 14.31 10.77 -4.32
N GLN D 38 15.54 11.10 -3.92
CA GLN D 38 15.78 11.96 -2.80
C GLN D 38 16.93 12.89 -3.11
N ASN D 39 16.70 14.19 -2.97
CA ASN D 39 17.85 15.11 -2.95
C ASN D 39 17.59 16.28 -2.01
N SER D 40 18.51 17.25 -1.96
CA SER D 40 18.43 18.50 -1.10
C SER D 40 18.82 18.12 0.31
N GLY D 43 13.52 14.62 1.78
CA GLY D 43 12.09 14.27 1.49
C GLY D 43 12.03 13.34 0.24
N LEU D 44 11.71 12.05 0.38
CA LEU D 44 11.61 11.25 -0.84
C LEU D 44 10.43 11.71 -1.75
N VAL D 45 10.55 11.52 -3.05
CA VAL D 45 9.43 11.74 -3.91
C VAL D 45 9.29 10.51 -4.76
N HIS D 46 8.07 10.04 -4.96
CA HIS D 46 7.87 8.79 -5.71
C HIS D 46 8.05 9.09 -7.18
N LEU D 47 8.46 8.09 -7.94
CA LEU D 47 8.72 8.29 -9.38
C LEU D 47 7.80 7.42 -10.21
N ILE D 48 7.82 6.11 -9.99
CA ILE D 48 7.06 5.21 -10.86
C ILE D 48 6.87 3.90 -10.13
N LEU D 49 5.71 3.28 -10.37
CA LEU D 49 5.33 2.02 -9.73
C LEU D 49 5.20 0.93 -10.84
N ILE D 50 5.71 -0.29 -10.63
CA ILE D 50 5.52 -1.39 -11.54
C ILE D 50 4.98 -2.59 -10.77
N ARG D 51 4.07 -3.36 -11.38
CA ARG D 51 3.37 -4.46 -10.69
C ARG D 51 3.95 -5.78 -11.08
N SER D 52 3.79 -6.80 -10.24
CA SER D 52 4.51 -8.00 -10.49
C SER D 52 4.07 -8.73 -11.78
N ASN D 53 2.96 -8.36 -12.36
CA ASN D 53 2.58 -8.88 -13.66
C ASN D 53 3.13 -8.11 -14.86
N GLU D 54 3.93 -7.08 -14.64
CA GLU D 54 4.36 -6.19 -15.68
C GLU D 54 5.90 -6.34 -15.84
N ARG D 55 6.38 -6.10 -17.04
CA ARG D 55 7.77 -6.28 -17.35
C ARG D 55 8.35 -4.92 -17.68
N GLU D 56 7.56 -4.03 -18.22
CA GLU D 56 8.07 -2.73 -18.57
C GLU D 56 6.95 -1.75 -18.36
N LYS D 57 7.29 -0.57 -17.88
CA LYS D 57 6.37 0.56 -17.85
C LYS D 57 7.15 1.85 -18.06
N HIS D 58 6.54 2.86 -18.65
CA HIS D 58 7.22 4.14 -18.85
C HIS D 58 6.30 5.27 -18.66
N SER D 59 6.91 6.37 -18.30
CA SER D 59 6.23 7.60 -18.22
C SER D 59 7.20 8.76 -18.45
N GLY D 60 6.98 9.53 -19.52
CA GLY D 60 7.85 10.67 -19.80
C GLY D 60 9.25 10.14 -19.99
N ARG D 61 10.23 10.76 -19.32
CA ARG D 61 11.64 10.39 -19.47
C ARG D 61 12.01 9.13 -18.74
N LEU D 62 11.09 8.54 -17.98
CA LEU D 62 11.42 7.36 -17.19
C LEU D 62 10.88 6.10 -17.83
N ARG D 63 11.69 5.04 -17.76
CA ARG D 63 11.28 3.70 -18.08
C ARG D 63 11.76 2.75 -16.99
N VAL D 64 10.81 1.99 -16.43
CA VAL D 64 11.19 1.00 -15.46
C VAL D 64 10.99 -0.39 -15.99
N THR D 65 11.84 -1.32 -15.57
CA THR D 65 11.61 -2.72 -15.88
C THR D 65 11.70 -3.55 -14.67
N LEU D 66 11.12 -4.75 -14.76
CA LEU D 66 11.07 -5.64 -13.63
C LEU D 66 11.23 -7.09 -14.10
N ASP D 67 12.07 -7.83 -13.40
CA ASP D 67 12.28 -9.19 -13.65
C ASP D 67 12.15 -9.97 -12.37
N THR D 68 11.00 -10.62 -12.15
CA THR D 68 10.75 -11.33 -10.90
C THR D 68 11.57 -12.58 -10.76
N SER D 69 12.06 -13.16 -11.86
CA SER D 69 12.96 -14.34 -11.74
C SER D 69 14.26 -13.92 -11.08
N LYS D 70 14.77 -12.79 -11.53
CA LYS D 70 16.02 -12.24 -10.98
C LYS D 70 15.89 -11.38 -9.73
N LYS D 71 14.63 -11.08 -9.37
CA LYS D 71 14.32 -10.17 -8.24
C LYS D 71 15.06 -8.90 -8.43
N SER D 72 14.83 -8.26 -9.56
CA SER D 72 15.56 -7.09 -9.89
C SER D 72 14.76 -6.19 -10.79
N SER D 73 15.05 -4.90 -10.70
CA SER D 73 14.43 -3.86 -11.46
C SER D 73 15.50 -2.84 -11.92
N SER D 74 15.26 -2.21 -13.06
CA SER D 74 16.11 -1.19 -13.58
C SER D 74 15.26 -0.03 -13.88
N LEU D 75 15.85 1.16 -13.73
CA LEU D 75 15.21 2.43 -14.08
C LEU D 75 16.11 3.14 -15.07
N LEU D 76 15.52 3.54 -16.19
CA LEU D 76 16.22 4.29 -17.21
C LEU D 76 15.69 5.71 -17.35
N ILE D 77 16.56 6.67 -17.21
CA ILE D 77 16.21 8.06 -17.35
C ILE D 77 16.82 8.46 -18.68
N THR D 78 15.94 8.90 -19.58
CA THR D 78 16.34 9.34 -20.89
C THR D 78 16.71 10.82 -20.90
N ALA D 79 17.89 11.10 -21.46
CA ALA D 79 18.32 12.49 -21.60
C ALA D 79 18.39 13.16 -20.24
N SER D 80 19.34 12.71 -19.43
CA SER D 80 19.47 13.24 -18.06
C SER D 80 19.74 14.75 -17.99
N ARG D 81 19.19 15.37 -16.96
CA ARG D 81 19.33 16.80 -16.72
C ARG D 81 19.98 17.01 -15.33
N ALA D 82 20.35 18.24 -14.98
CA ALA D 82 21.03 18.51 -13.73
C ALA D 82 20.12 18.14 -12.55
N ALA D 83 18.84 18.49 -12.62
CA ALA D 83 17.96 18.16 -11.52
C ALA D 83 17.71 16.64 -11.35
N ASP D 84 18.20 15.77 -12.24
CA ASP D 84 18.20 14.33 -11.93
C ASP D 84 19.21 13.91 -10.87
N THR D 85 20.16 14.76 -10.53
CA THR D 85 21.15 14.43 -9.53
C THR D 85 20.48 14.14 -8.17
N ALA D 86 20.63 12.94 -7.63
CA ALA D 86 19.80 12.54 -6.48
C ALA D 86 20.16 11.19 -6.13
N SER D 87 19.67 10.67 -4.98
CA SER D 87 19.83 9.25 -4.69
C SER D 87 18.50 8.63 -5.09
N TYR D 88 18.58 7.42 -5.60
CA TYR D 88 17.43 6.71 -6.12
C TYR D 88 17.30 5.40 -5.34
N PHE D 89 16.09 5.09 -4.86
CA PHE D 89 15.86 3.93 -4.02
C PHE D 89 14.63 3.14 -4.55
N CYS D 90 14.57 1.84 -4.27
CA CYS D 90 13.38 1.02 -4.48
C CYS D 90 12.66 0.63 -3.19
N ALA D 91 11.33 0.53 -3.26
CA ALA D 91 10.54 0.04 -2.18
C ALA D 91 9.67 -1.04 -2.72
N THR D 92 9.42 -2.05 -1.90
CA THR D 92 8.59 -3.17 -2.31
C THR D 92 7.63 -3.43 -1.18
N ASP D 93 6.53 -4.09 -1.48
CA ASP D 93 5.58 -4.44 -0.42
C ASP D 93 6.13 -5.43 0.54
N ALA D 94 5.75 -5.23 1.81
CA ALA D 94 5.93 -6.24 2.86
C ALA D 94 4.60 -6.40 3.58
N GLY D 95 3.71 -7.09 2.92
CA GLY D 95 2.32 -7.18 3.33
C GLY D 95 1.60 -5.99 2.61
N PRO D 96 0.26 -6.00 2.60
CA PRO D 96 -0.55 -5.02 1.94
C PRO D 96 -0.32 -3.57 2.41
N GLU D 97 0.06 -3.39 3.66
CA GLU D 97 -0.04 -2.10 4.31
C GLU D 97 1.32 -1.39 4.46
N LYS D 98 2.43 -2.11 4.22
CA LYS D 98 3.81 -1.65 4.46
C LYS D 98 4.73 -1.71 3.26
N LEU D 99 5.72 -0.81 3.22
CA LEU D 99 6.79 -0.87 2.25
C LEU D 99 8.13 -1.10 2.95
N VAL D 100 9.04 -1.84 2.32
CA VAL D 100 10.43 -1.92 2.75
C VAL D 100 11.30 -1.29 1.68
N PHE D 101 12.28 -0.51 2.13
CA PHE D 101 13.10 0.27 1.23
C PHE D 101 14.50 -0.28 1.20
N GLY D 102 15.11 -0.26 0.03
CA GLY D 102 16.48 -0.73 -0.14
C GLY D 102 17.55 0.34 -0.07
N LYS D 103 18.74 -0.08 -0.46
CA LYS D 103 19.91 0.75 -0.62
C LYS D 103 19.78 1.64 -1.88
N GLY D 104 20.12 2.89 -1.78
CA GLY D 104 20.09 3.71 -2.97
C GLY D 104 21.24 3.58 -3.93
N THR D 105 21.14 4.34 -5.01
CA THR D 105 22.22 4.52 -5.92
C THR D 105 22.33 6.06 -5.94
N LYS D 106 23.54 6.61 -5.82
CA LYS D 106 23.71 8.06 -5.88
C LYS D 106 24.04 8.42 -7.32
N LEU D 107 23.18 9.19 -7.96
CA LEU D 107 23.41 9.60 -9.33
C LEU D 107 23.87 11.05 -9.36
N THR D 108 24.99 11.31 -10.06
CA THR D 108 25.47 12.69 -10.28
C THR D 108 25.47 12.96 -11.80
N VAL D 109 24.72 13.99 -12.19
CA VAL D 109 24.68 14.44 -13.56
C VAL D 109 25.49 15.69 -13.73
N ASN D 110 26.61 15.55 -14.43
CA ASN D 110 27.57 16.65 -14.60
C ASN D 110 27.29 17.58 -15.80
N PRO D 111 27.65 18.86 -15.68
CA PRO D 111 27.44 19.75 -16.82
C PRO D 111 28.47 19.43 -17.93
N ASN D 112 28.12 19.82 -19.16
CA ASN D 112 29.04 19.74 -20.28
C ASN D 112 29.60 21.09 -20.47
N ILE D 113 30.84 21.23 -20.05
CA ILE D 113 31.48 22.51 -20.03
C ILE D 113 32.10 22.66 -21.42
N GLN D 114 31.56 23.55 -22.21
CA GLN D 114 32.02 23.62 -23.57
C GLN D 114 33.23 24.50 -23.82
N ASN D 115 33.52 25.42 -22.94
CA ASN D 115 34.75 26.15 -23.09
C ASN D 115 35.48 26.17 -21.75
N PRO D 116 36.10 25.05 -21.35
CA PRO D 116 36.81 24.97 -20.10
C PRO D 116 37.82 26.09 -20.02
N ASP D 117 38.02 26.68 -18.85
CA ASP D 117 38.94 27.76 -18.67
C ASP D 117 39.54 27.62 -17.29
N PRO D 118 40.15 26.46 -17.01
CA PRO D 118 40.58 26.19 -15.63
C PRO D 118 41.45 27.26 -15.06
N ALA D 119 41.17 27.64 -13.81
CA ALA D 119 41.92 28.64 -13.12
C ALA D 119 41.80 28.46 -11.61
N VAL D 120 42.81 28.88 -10.92
CA VAL D 120 42.76 29.03 -9.51
C VAL D 120 43.01 30.50 -9.10
N TYR D 121 42.03 31.09 -8.41
CA TYR D 121 42.08 32.48 -7.94
C TYR D 121 42.14 32.56 -6.45
N GLN D 122 42.71 33.64 -5.99
CA GLN D 122 42.73 34.02 -4.62
C GLN D 122 41.70 35.12 -4.36
N LEU D 123 40.86 34.92 -3.35
CA LEU D 123 39.77 35.83 -2.99
C LEU D 123 40.00 36.34 -1.56
N ARG D 124 39.96 37.66 -1.33
CA ARG D 124 40.13 38.21 0.01
C ARG D 124 38.82 38.52 0.72
N ASP D 125 38.86 38.28 2.03
CA ASP D 125 37.80 38.62 2.97
C ASP D 125 37.41 40.10 2.87
N SER D 126 36.10 40.30 2.79
CA SER D 126 35.45 41.57 2.81
C SER D 126 35.90 42.45 3.96
N LYS D 127 36.11 41.88 5.14
CA LYS D 127 36.52 42.61 6.32
C LYS D 127 38.01 42.63 6.63
N SER D 128 38.63 41.50 6.95
CA SER D 128 40.07 41.50 7.25
C SER D 128 40.68 40.86 6.06
N SER D 129 41.29 41.68 5.20
CA SER D 129 41.72 41.21 3.90
C SER D 129 42.88 40.20 4.03
N ASP D 130 43.54 40.16 5.20
CA ASP D 130 44.58 39.14 5.44
C ASP D 130 44.05 37.69 5.30
N LYS D 131 42.76 37.45 5.59
CA LYS D 131 42.13 36.13 5.36
C LYS D 131 41.79 35.98 3.88
N SER D 132 42.04 34.77 3.35
CA SER D 132 41.60 34.44 1.99
C SER D 132 41.25 32.94 1.80
N VAL D 133 40.81 32.62 0.59
CA VAL D 133 40.31 31.34 0.17
C VAL D 133 40.88 31.22 -1.27
N CYS D 134 41.07 29.99 -1.72
CA CYS D 134 41.43 29.70 -3.09
C CYS D 134 40.23 29.09 -3.77
N LEU D 135 39.92 29.55 -4.99
CA LEU D 135 38.79 29.04 -5.75
C LEU D 135 39.34 28.41 -7.05
N PHE D 136 39.13 27.12 -7.26
CA PHE D 136 39.53 26.44 -8.53
C PHE D 136 38.26 26.39 -9.26
N THR D 137 38.23 26.91 -10.50
CA THR D 137 36.96 27.07 -11.16
C THR D 137 37.11 26.88 -12.64
N ASP D 138 36.01 26.55 -13.27
CA ASP D 138 35.85 26.57 -14.74
C ASP D 138 36.54 25.37 -15.45
N PHE D 139 36.78 24.34 -14.66
CA PHE D 139 37.35 23.13 -15.17
C PHE D 139 36.24 22.29 -15.80
N ASP D 140 36.62 21.38 -16.70
CA ASP D 140 35.59 20.52 -17.23
C ASP D 140 35.27 19.35 -16.31
N SER D 141 34.15 18.68 -16.58
CA SER D 141 33.57 17.78 -15.62
C SER D 141 34.39 16.52 -15.43
N GLN D 142 35.31 16.29 -16.36
CA GLN D 142 36.28 15.21 -16.21
C GLN D 142 37.32 15.43 -15.14
N THR D 143 37.61 16.69 -14.77
CA THR D 143 38.56 16.94 -13.69
C THR D 143 37.92 16.56 -12.33
N ASN D 144 38.71 15.90 -11.49
CA ASN D 144 38.26 15.50 -10.17
C ASN D 144 39.09 16.17 -9.13
N VAL D 145 38.45 16.62 -8.06
CA VAL D 145 39.14 17.42 -7.09
C VAL D 145 39.38 16.49 -5.94
N SER D 146 40.63 16.31 -5.54
CA SER D 146 40.93 15.45 -4.41
C SER D 146 40.89 16.18 -3.08
N GLN D 147 40.65 15.41 -2.03
CA GLN D 147 40.77 15.90 -0.69
C GLN D 147 42.21 16.15 -0.35
N SER D 148 42.39 16.89 0.70
CA SER D 148 43.71 17.33 1.08
C SER D 148 44.49 16.18 1.79
N LYS D 149 45.79 16.09 1.52
CA LYS D 149 46.75 15.34 2.33
C LYS D 149 46.74 15.77 3.80
N ASP D 150 46.91 17.07 4.00
CA ASP D 150 47.01 17.67 5.33
C ASP D 150 45.64 18.00 5.92
N SER D 151 45.46 17.69 7.21
CA SER D 151 44.15 17.88 7.87
C SER D 151 43.84 19.29 8.42
N ASP D 152 44.81 20.20 8.28
CA ASP D 152 44.59 21.63 8.50
C ASP D 152 44.31 22.41 7.19
N VAL D 153 44.25 21.72 6.05
CA VAL D 153 43.91 22.33 4.76
C VAL D 153 42.55 21.80 4.37
N TYR D 154 41.60 22.69 4.11
CA TYR D 154 40.25 22.24 3.82
C TYR D 154 39.94 22.43 2.37
N ILE D 155 39.36 21.43 1.72
CA ILE D 155 39.10 21.50 0.32
C ILE D 155 37.73 20.95 0.14
N THR D 156 36.85 21.72 -0.48
CA THR D 156 35.46 21.25 -0.61
C THR D 156 35.45 20.33 -1.81
N ASP D 157 34.37 19.59 -1.99
CA ASP D 157 34.12 18.93 -3.26
C ASP D 157 33.64 19.98 -4.29
N LYS D 158 33.54 19.51 -5.50
CA LYS D 158 33.12 20.26 -6.66
C LYS D 158 31.61 20.59 -6.59
N CYS D 159 31.25 21.75 -7.09
CA CYS D 159 29.92 22.26 -7.01
C CYS D 159 29.61 22.90 -8.35
N VAL D 160 28.43 22.68 -8.86
CA VAL D 160 28.04 23.27 -10.15
C VAL D 160 27.08 24.42 -9.93
N LEU D 161 27.37 25.57 -10.53
CA LEU D 161 26.50 26.72 -10.45
C LEU D 161 25.97 27.06 -11.84
N ASP D 162 24.75 27.58 -11.91
CA ASP D 162 24.12 27.85 -13.21
C ASP D 162 23.69 29.29 -13.27
N MET D 163 24.36 30.11 -14.06
CA MET D 163 23.94 31.46 -14.29
C MET D 163 22.83 31.42 -15.37
N ARG D 164 21.57 31.33 -14.94
CA ARG D 164 20.47 30.97 -15.86
C ARG D 164 20.28 32.00 -16.99
N SER D 165 20.22 33.29 -16.68
CA SER D 165 20.07 34.26 -17.75
C SER D 165 21.18 34.17 -18.78
N MET D 166 22.38 33.79 -18.41
CA MET D 166 23.47 33.69 -19.40
C MET D 166 23.61 32.30 -19.98
N ASP D 167 22.69 31.41 -19.61
CA ASP D 167 22.79 30.01 -20.01
C ASP D 167 24.22 29.45 -19.85
N PHE D 168 24.85 29.73 -18.71
CA PHE D 168 26.25 29.36 -18.48
C PHE D 168 26.40 28.55 -17.19
N LYS D 169 27.04 27.37 -17.25
CA LYS D 169 27.33 26.56 -16.06
C LYS D 169 28.85 26.43 -15.78
N SER D 170 29.24 26.30 -14.51
CA SER D 170 30.63 26.08 -14.21
C SER D 170 30.83 25.38 -12.89
N ASN D 171 31.91 24.61 -12.87
CA ASN D 171 32.38 23.86 -11.73
C ASN D 171 33.30 24.69 -10.86
N SER D 172 33.29 24.47 -9.55
CA SER D 172 34.34 24.98 -8.71
C SER D 172 34.53 24.23 -7.43
N ALA D 173 35.67 24.45 -6.83
CA ALA D 173 35.94 23.94 -5.48
C ALA D 173 36.69 25.00 -4.74
N VAL D 174 36.50 25.03 -3.42
CA VAL D 174 37.07 26.03 -2.57
C VAL D 174 38.06 25.37 -1.60
N ALA D 175 39.21 26.00 -1.44
CA ALA D 175 40.21 25.54 -0.45
C ALA D 175 40.62 26.69 0.45
N TRP D 176 40.84 26.37 1.72
CA TRP D 176 41.44 27.34 2.64
C TRP D 176 42.26 26.69 3.74
N SER D 177 43.12 27.50 4.34
CA SER D 177 43.92 27.09 5.50
C SER D 177 44.53 28.26 6.26
N ASN D 178 44.87 28.03 7.53
CA ASN D 178 45.71 28.97 8.30
C ASN D 178 47.20 28.68 8.23
N LYS D 179 47.61 27.58 7.62
CA LYS D 179 49.03 27.33 7.57
C LYS D 179 49.71 28.49 6.87
N SER D 180 50.90 28.85 7.33
CA SER D 180 51.71 29.85 6.64
C SER D 180 52.28 29.29 5.31
N ASP D 181 52.42 27.97 5.18
CA ASP D 181 52.82 27.33 3.91
C ASP D 181 51.77 27.43 2.79
N PHE D 182 50.52 27.67 3.17
CA PHE D 182 49.42 27.52 2.23
C PHE D 182 49.36 28.67 1.28
N ALA D 183 49.17 28.38 0.01
CA ALA D 183 48.96 29.40 -0.99
C ALA D 183 48.31 28.81 -2.21
N CYS D 184 47.65 29.66 -2.94
CA CYS D 184 46.87 29.17 -4.01
C CYS D 184 47.67 28.34 -5.00
N ALA D 185 48.98 28.62 -5.18
CA ALA D 185 49.80 27.81 -6.14
C ALA D 185 49.89 26.28 -5.77
N ASN D 186 49.76 25.96 -4.50
CA ASN D 186 49.87 24.57 -4.01
C ASN D 186 48.57 24.02 -3.47
N ALA D 187 47.57 24.88 -3.24
CA ALA D 187 46.27 24.43 -2.70
C ALA D 187 45.80 23.12 -3.26
N PHE D 188 45.78 22.98 -4.57
CA PHE D 188 45.14 21.82 -5.15
C PHE D 188 46.19 20.77 -5.68
N ASN D 189 47.40 20.76 -5.10
CA ASN D 189 48.50 19.83 -5.52
C ASN D 189 48.12 18.39 -5.44
N ASN D 190 47.22 18.04 -4.53
CA ASN D 190 46.70 16.68 -4.43
C ASN D 190 45.81 16.28 -5.58
N SER D 191 45.34 17.23 -6.42
CA SER D 191 44.50 16.84 -7.55
C SER D 191 45.28 16.79 -8.83
N ILE D 192 44.73 16.10 -9.83
CA ILE D 192 45.28 16.16 -11.17
C ILE D 192 44.57 17.29 -11.95
N ILE D 193 45.25 18.40 -12.17
CA ILE D 193 44.55 19.54 -12.79
C ILE D 193 45.16 19.84 -14.16
N PRO D 194 44.48 20.62 -15.00
CA PRO D 194 45.05 20.72 -16.35
C PRO D 194 46.34 21.50 -16.36
N GLU D 195 47.28 21.12 -17.21
CA GLU D 195 48.62 21.75 -17.20
C GLU D 195 48.50 23.24 -17.58
N ASP D 196 47.49 23.59 -18.38
CA ASP D 196 47.21 24.97 -18.76
C ASP D 196 46.25 25.73 -17.82
N THR D 197 46.14 25.27 -16.57
CA THR D 197 45.37 25.98 -15.57
C THR D 197 45.98 27.35 -15.31
N PHE D 198 45.16 28.39 -15.31
CA PHE D 198 45.67 29.72 -15.12
C PHE D 198 45.94 29.96 -13.65
N PHE D 199 47.18 30.27 -13.34
CA PHE D 199 47.56 30.74 -12.03
C PHE D 199 48.00 32.21 -11.93
N PRO D 200 47.06 33.13 -11.67
CA PRO D 200 47.49 34.54 -11.65
C PRO D 200 48.38 34.77 -10.46
N SER D 201 49.25 35.76 -10.56
CA SER D 201 50.13 36.10 -9.43
C SER D 201 49.30 36.58 -8.21
N PRO D 202 49.72 36.16 -7.00
CA PRO D 202 49.01 36.48 -5.76
C PRO D 202 48.71 37.97 -5.58
N MET E 1 0.19 27.49 -1.40
CA MET E 1 -0.10 26.44 -0.40
C MET E 1 -0.54 25.16 -1.12
N ASN E 2 0.19 24.08 -0.90
CA ASN E 2 -0.20 22.75 -1.41
C ASN E 2 -0.48 21.73 -0.32
N ALA E 3 -1.25 20.75 -0.71
CA ALA E 3 -1.44 19.54 0.08
C ALA E 3 -0.14 18.76 0.18
N GLY E 4 0.05 18.13 1.34
CA GLY E 4 1.20 17.30 1.56
C GLY E 4 1.36 16.97 3.04
N VAL E 5 2.55 16.44 3.34
CA VAL E 5 2.89 16.05 4.69
C VAL E 5 3.80 17.11 5.24
N THR E 6 3.51 17.58 6.45
CA THR E 6 4.43 18.55 7.07
C THR E 6 4.89 18.04 8.42
N GLN E 7 6.02 18.51 8.87
CA GLN E 7 6.63 17.99 10.09
C GLN E 7 7.24 19.13 10.81
N THR E 8 7.21 19.06 12.13
CA THR E 8 7.94 20.01 12.96
C THR E 8 8.55 19.24 14.13
N PRO E 9 9.69 19.74 14.64
CA PRO E 9 10.46 20.85 14.12
C PRO E 9 11.35 20.39 12.94
N LYS E 10 12.01 21.33 12.29
CA LYS E 10 12.94 21.01 11.24
C LYS E 10 14.23 20.38 11.78
N PHE E 11 14.66 20.96 12.91
CA PHE E 11 15.94 20.62 13.50
C PHE E 11 15.79 20.53 15.01
N ARG E 12 16.54 19.62 15.63
CA ARG E 12 16.51 19.46 17.10
C ARG E 12 17.83 18.92 17.63
N ILE E 13 18.28 19.51 18.72
CA ILE E 13 19.37 19.00 19.54
C ILE E 13 18.81 18.55 20.88
N LEU E 14 19.21 17.37 21.30
CA LEU E 14 18.79 16.85 22.57
C LEU E 14 20.02 16.36 23.34
N LYS E 15 19.98 16.56 24.65
CA LYS E 15 20.93 15.93 25.53
C LYS E 15 20.50 14.49 25.78
N ILE E 16 21.45 13.60 25.91
CA ILE E 16 21.19 12.24 26.30
C ILE E 16 20.26 12.21 27.51
N GLY E 17 19.25 11.32 27.46
CA GLY E 17 18.19 11.31 28.47
C GLY E 17 17.00 12.22 28.29
N GLN E 18 17.07 13.24 27.45
CA GLN E 18 15.88 14.06 27.22
C GLN E 18 14.86 13.37 26.33
N SER E 19 13.68 13.96 26.28
CA SER E 19 12.62 13.37 25.51
C SER E 19 12.14 14.42 24.55
N MET E 20 11.34 13.97 23.58
CA MET E 20 10.87 14.85 22.53
C MET E 20 9.67 14.26 21.81
N THR E 21 8.87 15.13 21.20
CA THR E 21 7.79 14.73 20.34
C THR E 21 7.98 15.33 18.94
N LEU E 22 8.08 14.49 17.93
CA LEU E 22 8.08 14.93 16.52
C LEU E 22 6.65 14.95 15.98
N GLN E 23 6.24 16.04 15.33
CA GLN E 23 4.87 16.15 14.87
C GLN E 23 4.86 15.89 13.38
N CYS E 24 3.80 15.24 12.91
CA CYS E 24 3.59 15.01 11.51
C CYS E 24 2.11 15.24 11.27
N THR E 25 1.76 15.97 10.22
CA THR E 25 0.37 16.24 9.91
C THR E 25 0.24 16.11 8.41
N GLN E 26 -0.89 15.57 7.93
CA GLN E 26 -1.12 15.68 6.49
C GLN E 26 -2.57 16.08 6.22
N ASP E 27 -2.78 16.67 5.07
CA ASP E 27 -4.12 17.20 4.78
C ASP E 27 -4.65 16.59 3.49
N MET E 28 -4.36 15.33 3.25
CA MET E 28 -4.82 14.67 2.10
C MET E 28 -5.86 13.68 2.50
N ASN E 29 -6.30 13.70 3.76
CA ASN E 29 -7.22 12.73 4.25
C ASN E 29 -6.74 11.28 4.09
N HIS E 30 -5.44 11.04 4.11
CA HIS E 30 -4.90 9.68 4.02
C HIS E 30 -5.05 8.92 5.31
N ASN E 31 -5.56 7.71 5.22
CA ASN E 31 -5.65 6.84 6.37
C ASN E 31 -4.34 6.14 6.85
N TYR E 32 -3.39 5.94 5.96
CA TYR E 32 -2.15 5.18 6.22
C TYR E 32 -0.98 6.18 6.40
N MET E 33 -0.37 6.14 7.58
CA MET E 33 0.79 6.98 7.94
C MET E 33 1.94 6.13 8.49
N TYR E 34 3.18 6.63 8.31
CA TYR E 34 4.39 5.89 8.53
C TYR E 34 5.46 6.84 9.12
N TRP E 35 6.24 6.32 10.05
CA TRP E 35 7.51 6.94 10.46
C TRP E 35 8.71 6.12 10.11
N TYR E 36 9.72 6.79 9.57
CA TYR E 36 10.97 6.15 9.20
C TYR E 36 12.13 6.94 9.81
N ARG E 37 13.25 6.27 10.03
CA ARG E 37 14.51 6.97 10.24
C ARG E 37 15.47 6.62 9.13
N GLN E 38 16.37 7.54 8.86
CA GLN E 38 17.32 7.39 7.80
C GLN E 38 18.67 7.90 8.28
N ASP E 39 19.65 7.06 8.48
CA ASP E 39 21.01 7.64 8.67
C ASP E 39 21.63 8.14 7.33
N PRO E 40 22.36 9.27 7.32
CA PRO E 40 22.95 9.79 6.07
C PRO E 40 23.69 8.72 5.23
N GLY E 41 23.46 8.73 3.92
CA GLY E 41 24.01 7.68 3.06
C GLY E 41 23.33 6.33 3.19
N MET E 42 22.33 6.17 4.08
CA MET E 42 21.72 4.84 4.29
C MET E 42 20.26 4.86 3.81
N GLY E 43 19.55 3.77 4.05
CA GLY E 43 18.16 3.60 3.65
C GLY E 43 17.20 3.85 4.77
N LEU E 44 15.94 4.00 4.39
CA LEU E 44 14.90 4.17 5.40
C LEU E 44 14.58 2.87 6.10
N LYS E 45 14.31 2.99 7.38
CA LYS E 45 13.84 1.94 8.22
C LYS E 45 12.55 2.39 8.89
N LEU E 46 11.54 1.55 8.75
CA LEU E 46 10.24 1.82 9.35
C LEU E 46 10.21 1.66 10.89
N ILE E 47 9.75 2.70 11.57
CA ILE E 47 9.65 2.66 13.03
C ILE E 47 8.23 2.18 13.50
N TYR E 48 7.18 2.83 13.03
CA TYR E 48 5.79 2.51 13.37
C TYR E 48 4.94 2.94 12.19
N TYR E 49 3.77 2.35 12.07
CA TYR E 49 2.80 2.77 11.08
C TYR E 49 1.41 2.64 11.67
N SER E 50 0.47 3.23 10.94
CA SER E 50 -0.92 3.35 11.32
C SER E 50 -1.79 3.25 10.07
N VAL E 51 -2.74 2.31 10.10
CA VAL E 51 -3.76 2.17 9.05
C VAL E 51 -5.02 3.04 9.18
N GLY E 52 -5.12 3.83 10.24
CA GLY E 52 -6.24 4.66 10.47
C GLY E 52 -6.28 5.17 11.89
N ALA E 53 -7.06 6.21 12.11
CA ALA E 53 -7.27 6.72 13.43
C ALA E 53 -7.52 5.62 14.50
N GLY E 54 -6.79 5.69 15.61
CA GLY E 54 -6.85 4.72 16.72
C GLY E 54 -6.11 3.44 16.50
N ILE E 55 -5.41 3.29 15.37
CA ILE E 55 -4.75 2.06 15.14
C ILE E 55 -3.25 2.38 14.82
N THR E 56 -2.35 1.73 15.55
CA THR E 56 -0.91 1.78 15.30
C THR E 56 -0.32 0.39 15.45
N ASP E 57 0.83 0.19 14.82
CA ASP E 57 1.55 -1.07 14.88
C ASP E 57 3.01 -0.83 14.64
N LYS E 58 3.81 -1.77 15.10
CA LYS E 58 5.26 -1.68 15.04
C LYS E 58 5.84 -1.97 13.68
N GLY E 59 6.88 -1.22 13.32
CA GLY E 59 7.65 -1.46 12.12
C GLY E 59 8.85 -2.33 12.40
N GLU E 60 9.93 -2.13 11.66
CA GLU E 60 11.20 -2.87 11.74
C GLU E 60 12.01 -2.48 12.98
N VAL E 61 12.02 -1.18 13.35
CA VAL E 61 12.91 -0.69 14.44
C VAL E 61 12.14 0.13 15.46
N PRO E 62 11.11 -0.48 16.09
CA PRO E 62 10.27 0.26 17.01
C PRO E 62 10.90 0.67 18.34
N ASN E 63 11.97 0.02 18.73
CA ASN E 63 12.46 0.19 20.12
C ASN E 63 13.06 1.58 20.35
N GLY E 64 12.66 2.16 21.45
CA GLY E 64 13.03 3.49 21.78
C GLY E 64 11.95 4.51 21.50
N TYR E 65 10.91 4.10 20.77
CA TYR E 65 9.91 5.09 20.33
C TYR E 65 8.50 4.61 20.59
N ASN E 66 7.55 5.56 20.59
CA ASN E 66 6.08 5.28 20.59
C ASN E 66 5.38 6.28 19.72
N VAL E 67 4.17 5.92 19.30
CA VAL E 67 3.32 6.79 18.51
C VAL E 67 1.90 6.78 19.04
N SER E 68 1.11 7.75 18.62
CA SER E 68 -0.31 7.61 18.73
C SER E 68 -1.00 8.23 17.49
N ARG E 69 -2.25 7.84 17.23
CA ARG E 69 -3.02 8.34 16.11
C ARG E 69 -4.46 8.63 16.54
N SER E 70 -4.70 9.76 17.13
CA SER E 70 -6.03 9.94 17.62
C SER E 70 -6.86 10.57 16.52
N THR E 71 -6.23 11.35 15.61
CA THR E 71 -6.96 11.81 14.44
C THR E 71 -6.29 11.35 13.15
N THR E 72 -7.05 11.47 12.07
CA THR E 72 -6.55 11.11 10.75
C THR E 72 -5.38 11.99 10.31
N GLU E 73 -5.40 13.24 10.71
CA GLU E 73 -4.50 14.25 10.21
C GLU E 73 -3.08 14.18 10.81
N ASP E 74 -2.97 13.74 12.07
CA ASP E 74 -1.74 13.75 12.85
C ASP E 74 -1.26 12.41 13.30
N PHE E 75 0.03 12.23 13.28
CA PHE E 75 0.67 11.03 13.74
C PHE E 75 1.94 11.39 14.53
N PRO E 76 1.81 11.72 15.83
CA PRO E 76 3.00 12.12 16.57
C PRO E 76 3.90 10.98 16.97
N LEU E 77 5.21 11.18 16.81
CA LEU E 77 6.21 10.21 17.25
C LEU E 77 6.89 10.71 18.57
N ARG E 78 6.92 9.86 19.57
CA ARG E 78 7.55 10.19 20.83
C ARG E 78 8.90 9.48 20.99
N LEU E 79 9.91 10.29 21.31
CA LEU E 79 11.24 9.79 21.68
C LEU E 79 11.39 9.88 23.18
N GLU E 80 11.59 8.75 23.82
CA GLU E 80 11.34 8.70 25.25
C GLU E 80 12.57 9.12 26.08
N LEU E 81 13.73 8.59 25.78
CA LEU E 81 14.94 8.82 26.61
C LEU E 81 16.18 8.86 25.69
N ALA E 82 16.53 10.02 25.19
CA ALA E 82 17.45 10.03 24.05
C ALA E 82 18.81 9.36 24.30
N ALA E 83 19.24 8.57 23.33
CA ALA E 83 20.52 7.86 23.32
C ALA E 83 21.26 8.20 22.02
N PRO E 84 22.58 8.08 22.02
CA PRO E 84 23.33 8.55 20.87
C PRO E 84 22.98 7.86 19.59
N SER E 85 22.44 6.64 19.67
CA SER E 85 22.09 5.89 18.47
C SER E 85 20.89 6.52 17.72
N GLN E 86 20.14 7.42 18.37
CA GLN E 86 18.95 8.06 17.83
C GLN E 86 19.17 9.35 17.03
N THR E 87 20.42 9.80 16.93
CA THR E 87 20.82 10.78 16.01
C THR E 87 20.53 10.24 14.59
N SER E 88 19.74 11.00 13.83
CA SER E 88 19.21 10.52 12.55
C SER E 88 18.30 11.58 11.95
N VAL E 89 17.84 11.32 10.73
CA VAL E 89 16.80 12.13 10.07
C VAL E 89 15.51 11.31 10.12
N TYR E 90 14.46 11.89 10.68
CA TYR E 90 13.19 11.23 10.87
C TYR E 90 12.17 11.74 9.84
N PHE E 91 11.57 10.80 9.08
CA PHE E 91 10.65 11.10 7.97
C PHE E 91 9.31 10.47 8.22
N CYS E 92 8.27 11.29 8.07
CA CYS E 92 6.87 10.88 8.15
C CYS E 92 6.42 10.73 6.74
N ALA E 93 5.49 9.81 6.52
CA ALA E 93 4.93 9.66 5.20
C ALA E 93 3.50 9.18 5.30
N SER E 94 2.74 9.30 4.20
CA SER E 94 1.32 8.84 4.15
C SER E 94 0.95 8.33 2.75
N ARG E 95 -0.07 7.48 2.66
CA ARG E 95 -0.65 7.19 1.40
C ARG E 95 -2.14 6.87 1.56
N GLN E 96 -2.81 6.82 0.41
CA GLN E 96 -4.24 6.76 0.37
C GLN E 96 -4.76 5.40 0.72
N LEU E 97 -4.04 4.40 0.31
CA LEU E 97 -4.51 3.06 0.47
C LEU E 97 -3.43 1.97 0.62
N ALA E 98 -3.87 0.81 1.07
CA ALA E 98 -3.09 -0.43 0.94
C ALA E 98 -2.92 -0.86 -0.53
N GLY E 99 -1.92 -1.68 -0.80
CA GLY E 99 -1.62 -2.12 -2.14
C GLY E 99 -0.88 -1.18 -3.10
N PHE E 100 -1.49 -0.87 -4.23
CA PHE E 100 -0.77 -0.23 -5.37
C PHE E 100 -0.78 1.31 -5.27
N TYR E 101 -0.24 1.81 -4.14
CA TYR E 101 -0.25 3.25 -3.85
C TYR E 101 1.14 3.64 -3.37
N GLU E 102 1.57 4.78 -3.86
CA GLU E 102 2.84 5.34 -3.54
C GLU E 102 2.71 6.23 -2.29
N GLN E 103 3.78 6.43 -1.56
CA GLN E 103 3.78 7.25 -0.34
C GLN E 103 4.27 8.63 -0.66
N TYR E 104 3.74 9.59 0.10
CA TYR E 104 4.15 10.99 0.10
C TYR E 104 4.91 11.23 1.38
N PHE E 105 6.08 11.85 1.27
CA PHE E 105 6.94 12.16 2.39
C PHE E 105 6.94 13.59 2.91
N GLY E 106 7.12 13.72 4.21
CA GLY E 106 7.44 14.98 4.79
C GLY E 106 8.87 15.39 4.51
N PRO E 107 9.23 16.61 4.89
CA PRO E 107 10.57 17.11 4.69
C PRO E 107 11.66 16.58 5.62
N GLY E 108 11.31 15.90 6.70
CA GLY E 108 12.33 15.36 7.59
C GLY E 108 12.60 16.22 8.80
N THR E 109 12.82 15.59 9.95
CA THR E 109 13.36 16.27 11.14
C THR E 109 14.78 15.68 11.41
N ARG E 110 15.71 16.60 11.52
CA ARG E 110 17.11 16.31 11.69
C ARG E 110 17.42 16.46 13.18
N LEU E 111 17.74 15.33 13.81
CA LEU E 111 17.97 15.25 15.23
C LEU E 111 19.41 14.87 15.51
N THR E 112 20.01 15.65 16.37
CA THR E 112 21.32 15.35 16.94
C THR E 112 21.16 15.15 18.45
N VAL E 113 21.60 13.99 18.94
CA VAL E 113 21.64 13.73 20.36
C VAL E 113 23.11 13.96 20.82
N THR E 114 23.34 14.66 21.93
CA THR E 114 24.71 14.98 22.39
C THR E 114 24.82 14.75 23.91
N GLU E 115 25.98 14.31 24.38
CA GLU E 115 26.17 14.07 25.81
C GLU E 115 26.16 15.37 26.61
N ASP E 116 26.46 16.47 25.96
CA ASP E 116 26.57 17.73 26.67
C ASP E 116 26.41 18.90 25.73
N LEU E 117 25.62 19.88 26.09
CA LEU E 117 25.34 20.95 25.20
C LEU E 117 26.54 21.87 24.95
N LYS E 118 27.62 21.66 25.66
CA LYS E 118 28.80 22.51 25.50
C LYS E 118 29.50 22.27 24.18
N ASN E 119 29.10 21.19 23.49
CA ASN E 119 29.53 20.88 22.14
C ASN E 119 28.91 21.76 21.07
N VAL E 120 27.91 22.57 21.41
CA VAL E 120 27.13 23.33 20.43
C VAL E 120 27.75 24.69 20.23
N PHE E 121 28.00 25.06 18.96
CA PHE E 121 28.64 26.32 18.57
C PHE E 121 27.93 26.85 17.33
N PRO E 122 27.68 28.15 17.28
CA PRO E 122 27.17 28.81 16.14
C PRO E 122 28.28 29.03 15.09
N PRO E 123 27.88 29.23 13.83
CA PRO E 123 28.88 29.43 12.82
C PRO E 123 29.47 30.86 12.90
N GLU E 124 30.72 31.02 12.50
CA GLU E 124 31.18 32.36 12.04
C GLU E 124 31.06 32.36 10.53
N VAL E 125 30.73 33.51 9.96
CA VAL E 125 30.45 33.69 8.55
C VAL E 125 31.33 34.82 7.98
N ALA E 126 31.98 34.55 6.85
CA ALA E 126 32.79 35.54 6.12
C ALA E 126 32.51 35.48 4.61
N VAL E 127 32.52 36.65 3.94
CA VAL E 127 32.37 36.79 2.51
C VAL E 127 33.69 37.18 1.86
N PHE E 128 34.06 36.46 0.79
CA PHE E 128 35.32 36.70 0.14
C PHE E 128 35.00 37.26 -1.25
N GLU E 129 35.63 38.40 -1.56
CA GLU E 129 35.37 39.15 -2.79
C GLU E 129 36.06 38.57 -4.02
N PRO E 130 35.45 38.75 -5.19
CA PRO E 130 35.99 38.30 -6.51
C PRO E 130 37.42 38.81 -6.80
N SER E 131 38.24 38.02 -7.45
CA SER E 131 39.58 38.51 -7.74
C SER E 131 39.55 39.35 -9.04
N GLU E 132 40.44 40.30 -9.12
CA GLU E 132 40.54 41.10 -10.30
C GLU E 132 40.98 40.19 -11.51
N ALA E 133 41.80 39.19 -11.26
CA ALA E 133 42.20 38.26 -12.30
C ALA E 133 41.06 37.51 -12.86
N GLU E 134 40.08 37.10 -12.04
CA GLU E 134 38.90 36.37 -12.57
C GLU E 134 38.11 37.30 -13.47
N ILE E 135 37.92 38.51 -13.04
CA ILE E 135 37.17 39.48 -13.82
C ILE E 135 37.84 39.74 -15.19
N SER E 136 39.17 39.92 -15.20
CA SER E 136 39.90 40.09 -16.46
C SER E 136 39.86 38.86 -17.32
N HIS E 137 39.97 37.68 -16.73
CA HIS E 137 40.03 36.46 -17.52
C HIS E 137 38.68 36.07 -18.09
N THR E 138 37.60 36.30 -17.36
CA THR E 138 36.29 35.73 -17.72
C THR E 138 35.17 36.77 -17.85
N GLN E 139 35.37 37.96 -17.35
CA GLN E 139 34.27 38.97 -17.26
C GLN E 139 33.08 38.54 -16.35
N LYS E 140 33.39 37.65 -15.39
CA LYS E 140 32.48 37.19 -14.35
C LYS E 140 33.19 37.36 -13.03
N ALA E 141 32.42 37.30 -11.95
CA ALA E 141 32.89 37.61 -10.67
C ALA E 141 32.27 36.66 -9.63
N THR E 142 33.11 35.85 -8.97
CA THR E 142 32.59 34.87 -7.97
C THR E 142 32.84 35.35 -6.59
N LEU E 143 31.80 35.51 -5.81
CA LEU E 143 31.93 35.67 -4.37
C LEU E 143 31.82 34.29 -3.68
N VAL E 144 32.53 34.12 -2.59
CA VAL E 144 32.47 32.93 -1.78
C VAL E 144 32.07 33.27 -0.37
N CYS E 145 31.12 32.52 0.13
CA CYS E 145 30.76 32.59 1.54
C CYS E 145 31.34 31.37 2.26
N LEU E 146 31.96 31.58 3.40
CA LEU E 146 32.34 30.48 4.29
C LEU E 146 31.65 30.56 5.66
N ALA E 147 30.94 29.52 6.04
CA ALA E 147 30.44 29.36 7.37
C ALA E 147 31.31 28.34 8.08
N THR E 148 31.92 28.70 9.21
CA THR E 148 32.87 27.84 9.94
C THR E 148 32.61 27.70 11.44
N GLY E 149 33.13 26.60 11.98
CA GLY E 149 33.12 26.36 13.44
C GLY E 149 31.76 26.00 14.04
N PHE E 150 30.80 25.55 13.26
CA PHE E 150 29.47 25.24 13.83
C PHE E 150 29.26 23.77 14.17
N TYR E 151 28.43 23.51 15.18
CA TYR E 151 28.01 22.18 15.61
C TYR E 151 26.65 22.34 16.29
N PRO E 152 25.66 21.49 15.98
CA PRO E 152 25.61 20.43 15.02
C PRO E 152 25.48 21.04 13.62
N ASP E 153 25.43 20.20 12.60
CA ASP E 153 25.39 20.70 11.19
C ASP E 153 23.96 21.00 10.84
N HIS E 154 23.33 21.96 11.54
CA HIS E 154 21.94 22.29 11.34
C HIS E 154 21.90 23.75 10.91
N VAL E 155 22.13 24.04 9.61
CA VAL E 155 22.22 25.41 9.11
C VAL E 155 21.50 25.51 7.77
N GLU E 156 21.10 26.72 7.41
CA GLU E 156 20.52 27.03 6.07
C GLU E 156 21.17 28.28 5.57
N LEU E 157 21.87 28.18 4.46
CA LEU E 157 22.67 29.29 3.94
C LEU E 157 21.93 29.93 2.74
N SER E 158 21.85 31.25 2.73
CA SER E 158 21.06 31.94 1.70
C SER E 158 21.84 33.20 1.28
N TRP E 159 21.66 33.59 0.02
CA TRP E 159 22.34 34.77 -0.53
C TRP E 159 21.32 35.81 -0.87
N TRP E 160 21.62 37.04 -0.53
CA TRP E 160 20.67 38.16 -0.73
C TRP E 160 21.41 39.28 -1.51
N VAL E 161 20.84 39.69 -2.63
CA VAL E 161 21.42 40.73 -3.48
C VAL E 161 20.40 41.91 -3.46
N ASN E 162 20.85 43.02 -2.92
CA ASN E 162 20.02 44.23 -2.78
C ASN E 162 18.68 43.94 -2.05
N GLY E 163 18.72 43.14 -1.00
CA GLY E 163 17.49 42.78 -0.26
C GLY E 163 16.63 41.66 -0.76
N LYS E 164 16.95 41.04 -1.87
CA LYS E 164 16.11 39.98 -2.36
C LYS E 164 16.91 38.70 -2.48
N GLU E 165 16.34 37.58 -2.12
CA GLU E 165 17.07 36.31 -2.13
C GLU E 165 17.33 35.84 -3.56
N VAL E 166 18.54 35.42 -3.86
CA VAL E 166 18.84 34.89 -5.16
C VAL E 166 19.20 33.39 -5.15
N HIS E 167 18.92 32.74 -6.27
CA HIS E 167 19.28 31.33 -6.48
C HIS E 167 20.11 31.13 -7.74
N SER E 168 19.92 31.98 -8.73
CA SER E 168 20.67 31.86 -9.95
C SER E 168 22.13 32.21 -9.65
N GLY E 169 23.00 31.40 -10.21
CA GLY E 169 24.46 31.58 -10.05
C GLY E 169 25.01 31.19 -8.67
N VAL E 170 24.19 30.52 -7.87
CA VAL E 170 24.60 30.01 -6.56
C VAL E 170 24.84 28.51 -6.60
N CYS E 171 25.86 28.08 -5.88
CA CYS E 171 26.00 26.66 -5.55
C CYS E 171 26.51 26.61 -4.13
N THR E 172 25.79 25.92 -3.27
CA THR E 172 26.19 25.67 -1.89
C THR E 172 26.57 24.19 -1.72
N ASP E 173 27.69 23.93 -1.03
CA ASP E 173 28.14 22.55 -0.81
C ASP E 173 26.98 21.65 -0.28
N PRO E 174 26.80 20.45 -0.82
CA PRO E 174 25.82 19.46 -0.37
C PRO E 174 26.02 19.04 1.05
N GLN E 175 27.26 18.80 1.39
CA GLN E 175 27.71 18.28 2.67
C GLN E 175 28.72 19.31 3.25
N PRO E 176 28.62 19.62 4.54
CA PRO E 176 29.70 20.27 5.27
C PRO E 176 30.99 19.45 5.32
N LEU E 177 32.12 20.09 5.59
CA LEU E 177 33.37 19.43 5.89
C LEU E 177 33.49 19.41 7.44
N LYS E 178 34.18 18.43 7.98
CA LYS E 178 34.53 18.39 9.41
C LYS E 178 35.79 19.13 9.57
N GLU E 179 35.86 20.04 10.52
CA GLU E 179 37.13 20.70 10.79
C GLU E 179 38.15 19.78 11.48
N GLN E 180 37.66 18.71 12.14
CA GLN E 180 38.51 17.75 12.85
C GLN E 180 37.96 16.41 12.55
N PRO E 181 38.37 15.85 11.38
CA PRO E 181 37.67 14.67 10.83
C PRO E 181 37.82 13.45 11.69
N ALA E 182 38.83 13.43 12.55
CA ALA E 182 38.99 12.33 13.49
C ALA E 182 38.00 12.36 14.66
N LEU E 183 37.45 13.54 15.02
CA LEU E 183 36.48 13.59 16.14
C LEU E 183 35.03 13.35 15.74
N ASN E 184 34.35 12.54 16.55
CA ASN E 184 32.90 12.32 16.45
C ASN E 184 32.09 13.63 16.59
N ASP E 185 32.58 14.50 17.45
CA ASP E 185 32.00 15.79 17.83
C ASP E 185 32.50 16.99 17.02
N SER E 186 33.18 16.76 15.91
CA SER E 186 33.90 17.81 15.19
C SER E 186 32.94 18.93 14.84
N ARG E 187 33.42 20.15 14.89
CA ARG E 187 32.70 21.26 14.30
C ARG E 187 32.82 21.16 12.78
N TYR E 188 31.98 21.90 12.08
CA TYR E 188 31.83 21.85 10.63
C TYR E 188 32.13 23.17 9.94
N ALA E 189 32.30 23.07 8.63
CA ALA E 189 32.46 24.23 7.79
C ALA E 189 31.66 23.97 6.52
N LEU E 190 31.15 25.05 5.94
CA LEU E 190 30.28 25.02 4.72
C LEU E 190 30.65 26.22 3.81
N SER E 191 30.85 25.97 2.52
CA SER E 191 31.09 27.03 1.52
C SER E 191 29.98 27.13 0.49
N SER E 192 29.75 28.35 0.03
CA SER E 192 28.84 28.63 -1.04
C SER E 192 29.47 29.64 -1.97
N ARG E 193 29.08 29.61 -3.23
CA ARG E 193 29.52 30.60 -4.21
C ARG E 193 28.33 31.30 -4.82
N LEU E 194 28.54 32.56 -5.15
CA LEU E 194 27.56 33.28 -5.91
C LEU E 194 28.35 33.94 -7.04
N ARG E 195 28.00 33.64 -8.27
CA ARG E 195 28.71 34.22 -9.40
C ARG E 195 27.80 35.17 -10.16
N VAL E 196 28.32 36.36 -10.42
CA VAL E 196 27.66 37.39 -11.20
C VAL E 196 28.56 37.92 -12.39
N SER E 197 27.98 38.77 -13.27
CA SER E 197 28.79 39.42 -14.31
C SER E 197 29.67 40.39 -13.63
N ALA E 198 30.84 40.60 -14.20
CA ALA E 198 31.73 41.67 -13.77
C ALA E 198 31.06 43.03 -13.68
N THR E 199 30.22 43.36 -14.66
CA THR E 199 29.59 44.69 -14.62
C THR E 199 28.66 44.82 -13.41
N PHE E 200 27.96 43.74 -13.07
CA PHE E 200 27.16 43.70 -11.84
C PHE E 200 28.00 43.89 -10.59
N TRP E 201 29.05 43.11 -10.43
CA TRP E 201 29.93 43.30 -9.30
C TRP E 201 30.60 44.69 -9.29
N GLN E 202 30.89 45.24 -10.46
CA GLN E 202 31.54 46.59 -10.49
C GLN E 202 30.63 47.77 -10.13
N ASN E 203 29.34 47.51 -9.96
CA ASN E 203 28.45 48.57 -9.50
C ASN E 203 28.43 48.73 -8.00
N PRO E 204 29.05 49.81 -7.46
CA PRO E 204 29.10 49.96 -5.99
C PRO E 204 27.79 50.25 -5.27
N ARG E 205 26.66 50.28 -5.98
CA ARG E 205 25.37 50.32 -5.32
C ARG E 205 24.78 48.91 -5.18
N ASN E 206 25.44 47.89 -5.73
CA ASN E 206 24.96 46.50 -5.54
C ASN E 206 25.44 45.93 -4.21
N HIS E 207 24.56 45.31 -3.48
CA HIS E 207 24.83 44.93 -2.09
C HIS E 207 24.68 43.43 -1.99
N PHE E 208 25.68 42.76 -1.44
CA PHE E 208 25.65 41.30 -1.45
C PHE E 208 25.74 40.81 0.00
N ARG E 209 24.84 39.90 0.41
CA ARG E 209 24.83 39.34 1.74
C ARG E 209 24.66 37.82 1.74
N CYS E 210 25.56 37.16 2.47
CA CYS E 210 25.46 35.74 2.81
C CYS E 210 24.91 35.64 4.25
N GLN E 211 23.83 34.91 4.43
CA GLN E 211 23.12 34.76 5.67
C GLN E 211 23.06 33.30 6.03
N VAL E 212 23.33 32.96 7.29
CA VAL E 212 23.27 31.58 7.72
C VAL E 212 22.36 31.53 8.91
N GLN E 213 21.21 30.86 8.75
CA GLN E 213 20.40 30.47 9.88
C GLN E 213 20.96 29.22 10.59
N PHE E 214 21.31 29.37 11.86
CA PHE E 214 21.81 28.26 12.67
C PHE E 214 20.70 27.85 13.59
N TYR E 215 20.47 26.56 13.76
CA TYR E 215 19.45 26.04 14.67
C TYR E 215 20.19 25.44 15.81
N GLY E 216 20.00 26.06 16.99
CA GLY E 216 20.75 25.72 18.19
C GLY E 216 19.84 25.58 19.41
N LEU E 217 20.23 26.20 20.52
CA LEU E 217 19.55 25.94 21.79
C LEU E 217 18.35 26.85 21.89
N SER E 218 17.43 26.44 22.77
CA SER E 218 16.21 27.17 23.10
C SER E 218 16.43 28.05 24.28
N GLU E 219 15.48 28.95 24.44
CA GLU E 219 15.26 29.65 25.70
C GLU E 219 15.06 28.62 26.80
N ASN E 220 14.38 27.56 26.47
CA ASN E 220 14.20 26.44 27.35
C ASN E 220 15.46 25.69 27.82
N ASP E 221 16.59 25.78 27.11
CA ASP E 221 17.78 25.03 27.46
C ASP E 221 18.62 25.77 28.53
N GLU E 222 19.20 25.02 29.44
CA GLU E 222 20.02 25.59 30.50
C GLU E 222 21.46 25.74 30.00
N TRP E 223 22.05 26.87 30.35
CA TRP E 223 23.39 27.18 29.88
C TRP E 223 24.21 27.66 31.04
N THR E 224 25.22 26.87 31.41
CA THR E 224 26.08 27.27 32.52
C THR E 224 27.52 27.35 32.09
N GLN E 225 27.76 27.66 30.83
CA GLN E 225 29.11 27.77 30.36
C GLN E 225 29.39 29.22 30.33
N ASP E 226 30.66 29.50 30.09
CA ASP E 226 31.18 30.81 30.20
C ASP E 226 30.72 31.63 29.03
N ARG E 227 30.99 31.13 27.84
CA ARG E 227 30.63 31.80 26.60
C ARG E 227 29.15 32.01 26.35
N ALA E 228 28.90 32.83 25.35
CA ALA E 228 27.56 33.15 24.89
C ALA E 228 26.75 31.89 24.62
N LYS E 229 25.48 31.95 24.98
CA LYS E 229 24.58 30.81 24.78
C LYS E 229 24.39 30.59 23.25
N PRO E 230 24.70 29.39 22.75
CA PRO E 230 24.58 29.12 21.28
C PRO E 230 23.14 28.85 20.82
N VAL E 231 22.33 29.90 20.91
CA VAL E 231 20.93 29.79 20.56
C VAL E 231 20.75 29.85 19.02
N THR E 232 19.58 29.43 18.57
CA THR E 232 19.15 29.65 17.21
C THR E 232 19.33 31.13 16.86
N GLN E 233 20.00 31.41 15.73
CA GLN E 233 20.41 32.79 15.42
C GLN E 233 20.83 32.83 13.98
N ILE E 234 20.79 34.02 13.43
CA ILE E 234 21.27 34.30 12.07
C ILE E 234 22.59 35.03 12.17
N VAL E 235 23.60 34.52 11.46
CA VAL E 235 24.91 35.11 11.39
C VAL E 235 25.14 35.46 9.91
N SER E 236 25.68 36.64 9.62
CA SER E 236 25.72 37.09 8.24
C SER E 236 27.03 37.83 7.98
N ALA E 237 27.34 38.00 6.71
CA ALA E 237 28.47 38.80 6.28
C ALA E 237 28.10 39.44 4.93
N GLU E 238 28.75 40.55 4.60
CA GLU E 238 28.29 41.38 3.49
C GLU E 238 29.44 41.97 2.72
N ALA E 239 29.19 42.30 1.46
CA ALA E 239 30.10 43.10 0.67
C ALA E 239 29.33 43.96 -0.31
N TRP E 240 29.93 45.11 -0.68
CA TRP E 240 29.38 45.97 -1.72
C TRP E 240 30.22 45.83 -2.95
N GLY E 241 29.59 45.95 -4.11
CA GLY E 241 30.29 46.04 -5.36
C GLY E 241 31.34 47.14 -5.36
N ARG E 242 32.30 47.01 -6.28
CA ARG E 242 33.55 47.74 -6.25
C ARG E 242 33.93 48.13 -7.69
N ALA E 243 34.09 49.41 -7.93
CA ALA E 243 34.53 49.88 -9.24
C ALA E 243 36.03 49.62 -9.43
#